data_9LHX
#
_entry.id   9LHX
#
_cell.length_a   1.00
_cell.length_b   1.00
_cell.length_c   1.00
_cell.angle_alpha   90.00
_cell.angle_beta   90.00
_cell.angle_gamma   90.00
#
_symmetry.space_group_name_H-M   'P 1'
#
_entity_poly.entity_id   1
_entity_poly.type   'polypeptide(L)'
_entity_poly.pdbx_seq_one_letter_code
;MNSNLPAENLTIAVNMTKTLPTAVTHGFNSTNDPPSMSITRLFPALLECFGIVLCGYIAGRANVITSTQAKGLGNFVSRF
ALPALLFKNMVVLNFSNVDWSFLYSILIAKASVFFIVCVLTLLVASPDSRFSKAGLFPIFATQSNDFALGYPIVEALYQT
TYPEYLQYIYLVAPISLMMLNPIGFIFCEIQKWKDTQNASQNKIKIVGLGLLRVLQNPIVFMVFIGIAFNFILDRKVPVY
VENFLDGLGNSFSGSALFYLGLTMVGKIKRLKKSAFVVLILLITAKLLVLPLLCREMVELLDKGDSVVNHTSLSNYAFLY
GVFPVAPGVAIFATQFNMEVEIITSGMVISTFVSAPIMYVSAWLLTFPTMDPKPLAYAIQNVSFDISIVSLISLIWSLAI
LLLSKKYKQLPHMLTTNLLIAQSIVCAGMMIWNFVKEKNFVGQILVFVLLYSSLYSTYLWTGLLAISLFLLKKRERVQIP
VGIIIISGWGIPALLVGVLLITGKHNGDSIDSAFFYGKEQMITTAVTLFCSILIAGISLMCMNQTAQAGSYEGFDQSQSH
KVVEPGNTAFEESPAPVNEPELFTSSIPETSCCSCSMGNGELHCPSIEPIANTSTSEPVIPSFEKNNHCVSRCNSQSCIL
AQEEEQYLQSGDQQLTRHVLLCLLLIIGLFANLSSCLWWLFNQEPGRLYVELQFFCAVFNFGQGFISFGIFGLDKHLIIL
PFKRRLEFLWNNKDTAENRDSPVSEEIKMTCQQFIHYHRDLCIRNIVKERRCGAKTSAGTFCGCDLVSWLIEVGLASDRG
EAVIYGDRLVQGGVIQHITNEYEFRDEYLFYRFLQKSPEQSPPAINANTLQQERYKEIEHSSPPSHSPKTAAAENLYFQG
LWSHPQFEKGGGSGGGSGGSAWSHPQFEK
;
_entity_poly.pdbx_strand_id   A,B
#
# COMPACT_ATOMS: atom_id res chain seq x y z
N PRO A 35 46.82 -9.94 -10.11
CA PRO A 35 46.43 -9.53 -8.76
C PRO A 35 44.91 -9.47 -8.65
N SER A 36 44.39 -8.27 -8.42
CA SER A 36 42.95 -8.07 -8.30
C SER A 36 42.28 -8.18 -9.66
N MET A 37 40.95 -8.28 -9.63
CA MET A 37 40.12 -8.34 -10.84
C MET A 37 40.51 -9.54 -11.71
N SER A 38 40.27 -10.72 -11.15
CA SER A 38 40.54 -11.97 -11.84
C SER A 38 39.58 -12.10 -13.02
N ILE A 39 40.10 -11.86 -14.23
CA ILE A 39 39.25 -11.85 -15.42
C ILE A 39 39.19 -13.22 -16.10
N THR A 40 40.11 -14.13 -15.76
CA THR A 40 40.15 -15.42 -16.42
C THR A 40 38.85 -16.19 -16.31
N ARG A 41 38.13 -16.03 -15.20
CA ARG A 41 36.89 -16.76 -14.98
C ARG A 41 35.70 -16.13 -15.70
N LEU A 42 35.87 -14.95 -16.30
CA LEU A 42 34.76 -14.29 -16.97
C LEU A 42 34.26 -15.09 -18.17
N PHE A 43 35.18 -15.54 -19.02
CA PHE A 43 34.79 -16.26 -20.23
C PHE A 43 33.98 -17.51 -19.93
N PRO A 44 34.40 -18.43 -19.06
CA PRO A 44 33.57 -19.62 -18.82
C PRO A 44 32.17 -19.28 -18.35
N ALA A 45 32.04 -18.24 -17.51
CA ALA A 45 30.73 -17.86 -17.01
C ALA A 45 29.79 -17.47 -18.14
N LEU A 46 30.27 -16.63 -19.07
CA LEU A 46 29.48 -16.31 -20.25
C LEU A 46 29.14 -17.56 -21.02
N LEU A 47 30.08 -18.53 -21.05
CA LEU A 47 29.79 -19.78 -21.74
C LEU A 47 28.56 -20.48 -21.17
N GLU A 48 28.48 -20.69 -19.84
CA GLU A 48 27.28 -21.41 -19.38
C GLU A 48 26.06 -20.52 -19.50
N CYS A 49 26.23 -19.22 -19.25
CA CYS A 49 25.09 -18.32 -19.26
C CYS A 49 24.39 -18.30 -20.61
N PHE A 50 25.15 -18.27 -21.70
CA PHE A 50 24.54 -18.29 -23.01
C PHE A 50 24.31 -19.71 -23.54
N GLY A 51 25.01 -20.70 -22.99
CA GLY A 51 24.69 -22.07 -23.34
C GLY A 51 23.32 -22.48 -22.85
N ILE A 52 22.94 -22.03 -21.65
CA ILE A 52 21.60 -22.30 -21.14
C ILE A 52 20.56 -21.64 -22.05
N VAL A 53 20.82 -20.41 -22.48
CA VAL A 53 19.89 -19.71 -23.36
C VAL A 53 19.73 -20.46 -24.67
N LEU A 54 20.84 -20.85 -25.29
CA LEU A 54 20.76 -21.55 -26.57
C LEU A 54 20.12 -22.91 -26.42
N CYS A 55 20.37 -23.60 -25.31
CA CYS A 55 19.71 -24.88 -25.07
C CYS A 55 18.21 -24.71 -24.94
N GLY A 56 17.77 -23.68 -24.21
CA GLY A 56 16.35 -23.42 -24.10
C GLY A 56 15.73 -23.09 -25.45
N TYR A 57 16.42 -22.28 -26.25
CA TYR A 57 15.89 -21.92 -27.57
C TYR A 57 15.82 -23.13 -28.47
N ILE A 58 16.83 -24.01 -28.40
CA ILE A 58 16.86 -25.22 -29.21
C ILE A 58 15.74 -26.16 -28.81
N ALA A 59 15.50 -26.32 -27.51
CA ALA A 59 14.34 -27.10 -27.08
C ALA A 59 13.05 -26.44 -27.51
N GLY A 60 13.07 -25.11 -27.66
CA GLY A 60 11.88 -24.40 -28.07
C GLY A 60 11.48 -24.62 -29.52
N ARG A 61 12.41 -24.40 -30.46
CA ARG A 61 11.98 -24.39 -31.86
C ARG A 61 11.80 -25.80 -32.40
N ALA A 62 12.16 -26.81 -31.61
CA ALA A 62 12.00 -28.20 -32.01
C ALA A 62 10.61 -28.75 -31.73
N ASN A 63 9.69 -27.92 -31.24
CA ASN A 63 8.35 -28.36 -30.83
C ASN A 63 8.41 -29.49 -29.80
N VAL A 64 9.47 -29.51 -28.99
CA VAL A 64 9.64 -30.52 -27.96
C VAL A 64 8.98 -30.03 -26.67
N ILE A 65 9.26 -28.79 -26.31
CA ILE A 65 8.65 -28.17 -25.13
C ILE A 65 7.45 -27.36 -25.57
N THR A 66 6.30 -27.64 -24.94
CA THR A 66 5.06 -26.97 -25.26
C THR A 66 4.78 -25.86 -24.25
N SER A 67 3.59 -25.26 -24.38
CA SER A 67 3.26 -24.10 -23.58
C SER A 67 3.02 -24.45 -22.11
N THR A 68 2.57 -25.68 -21.86
CA THR A 68 2.15 -26.05 -20.50
C THR A 68 3.31 -25.98 -19.52
N GLN A 69 4.34 -26.81 -19.72
CA GLN A 69 5.47 -26.82 -18.79
C GLN A 69 6.26 -25.52 -18.87
N ALA A 70 6.24 -24.84 -20.01
CA ALA A 70 6.88 -23.53 -20.08
C ALA A 70 6.22 -22.53 -19.15
N LYS A 71 4.88 -22.48 -19.17
CA LYS A 71 4.15 -21.60 -18.26
C LYS A 71 4.35 -22.03 -16.82
N GLY A 72 4.40 -23.34 -16.57
CA GLY A 72 4.66 -23.82 -15.21
C GLY A 72 6.01 -23.36 -14.69
N LEU A 73 7.05 -23.50 -15.52
CA LEU A 73 8.39 -23.05 -15.13
C LEU A 73 8.43 -21.54 -14.93
N GLY A 74 7.75 -20.79 -15.81
CA GLY A 74 7.70 -19.35 -15.65
C GLY A 74 7.03 -18.93 -14.35
N ASN A 75 5.91 -19.58 -14.01
CA ASN A 75 5.24 -19.30 -12.75
C ASN A 75 6.13 -19.67 -11.57
N PHE A 76 6.83 -20.80 -11.66
CA PHE A 76 7.77 -21.19 -10.61
C PHE A 76 8.85 -20.14 -10.41
N VAL A 77 9.39 -19.61 -11.51
CA VAL A 77 10.44 -18.60 -11.41
C VAL A 77 9.89 -17.31 -10.81
N SER A 78 8.73 -16.86 -11.29
CA SER A 78 8.21 -15.55 -10.90
C SER A 78 7.71 -15.56 -9.45
N ARG A 79 7.05 -16.64 -9.05
CA ARG A 79 6.34 -16.66 -7.78
C ARG A 79 7.09 -17.37 -6.66
N PHE A 80 7.98 -18.30 -6.99
CA PHE A 80 8.61 -19.14 -5.97
C PHE A 80 10.11 -18.96 -5.87
N ALA A 81 10.84 -19.10 -6.98
CA ALA A 81 12.30 -19.11 -6.91
C ALA A 81 12.86 -17.72 -6.60
N LEU A 82 12.46 -16.72 -7.38
CA LEU A 82 12.97 -15.37 -7.17
C LEU A 82 12.61 -14.79 -5.82
N PRO A 83 11.36 -14.90 -5.33
CA PRO A 83 11.08 -14.40 -3.97
C PRO A 83 11.93 -15.06 -2.91
N ALA A 84 12.13 -16.38 -3.01
CA ALA A 84 12.94 -17.07 -2.03
C ALA A 84 14.40 -16.61 -2.09
N LEU A 85 14.93 -16.45 -3.31
CA LEU A 85 16.31 -16.01 -3.45
C LEU A 85 16.51 -14.62 -2.86
N LEU A 86 15.60 -13.69 -3.19
CA LEU A 86 15.76 -12.34 -2.68
C LEU A 86 15.60 -12.31 -1.16
N PHE A 87 14.69 -13.14 -0.64
CA PHE A 87 14.49 -13.18 0.81
C PHE A 87 15.73 -13.72 1.52
N LYS A 88 16.33 -14.78 0.97
CA LYS A 88 17.53 -15.34 1.61
C LYS A 88 18.71 -14.37 1.50
N ASN A 89 18.80 -13.61 0.42
CA ASN A 89 19.89 -12.64 0.32
C ASN A 89 19.62 -11.35 1.08
N MET A 90 18.37 -11.09 1.44
CA MET A 90 18.03 -9.85 2.13
C MET A 90 17.93 -10.01 3.65
N VAL A 91 17.64 -11.23 4.12
CA VAL A 91 17.62 -11.46 5.56
C VAL A 91 19.00 -11.21 6.15
N VAL A 92 20.05 -11.52 5.41
CA VAL A 92 21.43 -11.26 5.81
C VAL A 92 21.97 -10.18 4.87
N LEU A 93 22.10 -8.96 5.40
CA LEU A 93 22.59 -7.87 4.56
C LEU A 93 23.72 -7.07 5.21
N ASN A 94 23.72 -6.95 6.53
CA ASN A 94 24.70 -6.15 7.27
C ASN A 94 24.69 -4.70 6.80
N PHE A 95 23.56 -4.04 7.07
CA PHE A 95 23.39 -2.63 6.71
C PHE A 95 24.44 -1.73 7.38
N SER A 96 25.04 -2.17 8.48
CA SER A 96 25.95 -1.32 9.24
C SER A 96 27.22 -0.97 8.48
N ASN A 97 27.63 -1.79 7.52
CA ASN A 97 28.88 -1.57 6.80
C ASN A 97 28.67 -1.59 5.29
N VAL A 98 27.63 -0.90 4.81
CA VAL A 98 27.33 -0.81 3.38
C VAL A 98 27.51 0.64 2.95
N ASP A 99 28.36 0.86 1.96
CA ASP A 99 28.58 2.19 1.42
C ASP A 99 27.44 2.57 0.48
N TRP A 100 26.87 3.75 0.70
CA TRP A 100 25.75 4.22 -0.12
C TRP A 100 26.19 5.12 -1.26
N SER A 101 27.49 5.33 -1.44
CA SER A 101 27.96 6.06 -2.61
C SER A 101 27.58 5.31 -3.89
N PHE A 102 27.69 3.99 -3.87
CA PHE A 102 27.17 3.18 -4.97
C PHE A 102 25.72 3.54 -5.26
N LEU A 103 24.88 3.51 -4.23
CA LEU A 103 23.44 3.65 -4.40
C LEU A 103 23.09 5.02 -4.96
N TYR A 104 23.63 6.07 -4.34
CA TYR A 104 23.39 7.43 -4.83
C TYR A 104 23.84 7.56 -6.27
N SER A 105 25.06 7.11 -6.56
CA SER A 105 25.61 7.25 -7.90
C SER A 105 24.72 6.57 -8.94
N ILE A 106 24.35 5.31 -8.67
CA ILE A 106 23.62 4.53 -9.67
C ILE A 106 22.22 5.08 -9.88
N LEU A 107 21.51 5.43 -8.81
CA LEU A 107 20.17 5.99 -9.02
C LEU A 107 20.22 7.35 -9.68
N ILE A 108 21.19 8.21 -9.33
CA ILE A 108 21.23 9.50 -10.00
C ILE A 108 21.55 9.33 -11.48
N ALA A 109 22.47 8.44 -11.82
CA ALA A 109 22.74 8.21 -13.24
C ALA A 109 21.52 7.67 -13.96
N LYS A 110 20.82 6.70 -13.36
CA LYS A 110 19.63 6.15 -14.00
C LYS A 110 18.54 7.21 -14.15
N ALA A 111 18.36 8.06 -13.14
CA ALA A 111 17.34 9.10 -13.21
C ALA A 111 17.69 10.13 -14.28
N SER A 112 18.97 10.49 -14.39
CA SER A 112 19.39 11.41 -15.44
C SER A 112 19.13 10.83 -16.81
N VAL A 113 19.46 9.55 -17.00
CA VAL A 113 19.20 8.90 -18.28
C VAL A 113 17.70 8.87 -18.56
N PHE A 114 16.90 8.54 -17.55
CA PHE A 114 15.45 8.49 -17.70
C PHE A 114 14.90 9.85 -18.11
N PHE A 115 15.37 10.91 -17.45
CA PHE A 115 14.93 12.26 -17.78
C PHE A 115 15.30 12.64 -19.21
N ILE A 116 16.53 12.36 -19.61
CA ILE A 116 16.96 12.71 -20.96
C ILE A 116 16.11 11.96 -21.98
N VAL A 117 15.89 10.67 -21.76
CA VAL A 117 15.10 9.89 -22.71
C VAL A 117 13.67 10.38 -22.77
N CYS A 118 13.06 10.70 -21.62
CA CYS A 118 11.67 11.12 -21.62
C CYS A 118 11.51 12.48 -22.30
N VAL A 119 12.43 13.42 -22.05
CA VAL A 119 12.31 14.72 -22.68
C VAL A 119 12.55 14.61 -24.19
N LEU A 120 13.51 13.78 -24.60
CA LEU A 120 13.71 13.56 -26.03
C LEU A 120 12.49 12.95 -26.68
N THR A 121 11.87 11.96 -26.00
CA THR A 121 10.68 11.32 -26.55
C THR A 121 9.54 12.33 -26.67
N LEU A 122 9.34 13.17 -25.66
CA LEU A 122 8.22 14.10 -25.72
C LEU A 122 8.47 15.20 -26.74
N LEU A 123 9.74 15.48 -27.06
CA LEU A 123 10.00 16.52 -28.06
C LEU A 123 9.95 15.96 -29.48
N VAL A 124 10.29 14.69 -29.66
CA VAL A 124 10.39 14.15 -31.03
C VAL A 124 9.12 13.41 -31.44
N ALA A 125 8.46 12.73 -30.50
CA ALA A 125 7.33 11.88 -30.87
C ALA A 125 6.13 12.72 -31.27
N SER A 126 5.42 12.26 -32.30
CA SER A 126 4.19 12.91 -32.72
C SER A 126 3.12 12.75 -31.64
N PRO A 127 2.28 13.77 -31.41
CA PRO A 127 1.35 13.73 -30.28
C PRO A 127 0.20 12.74 -30.43
N ASP A 128 0.16 11.95 -31.51
CA ASP A 128 -0.93 10.99 -31.67
C ASP A 128 -0.88 9.93 -30.58
N SER A 129 0.30 9.39 -30.30
CA SER A 129 0.51 8.42 -29.24
C SER A 129 1.82 8.71 -28.52
N ARG A 130 2.13 10.00 -28.33
CA ARG A 130 3.42 10.38 -27.76
C ARG A 130 3.53 9.96 -26.30
N PHE A 131 2.42 10.04 -25.55
CA PHE A 131 2.46 9.70 -24.14
C PHE A 131 2.81 8.23 -23.92
N SER A 132 2.28 7.35 -24.77
CA SER A 132 2.63 5.94 -24.67
C SER A 132 4.12 5.73 -24.84
N LYS A 133 4.71 6.38 -25.86
CA LYS A 133 6.14 6.28 -26.09
C LYS A 133 6.93 6.82 -24.90
N ALA A 134 6.57 8.00 -24.42
CA ALA A 134 7.24 8.56 -23.26
C ALA A 134 7.05 7.70 -22.03
N GLY A 135 6.07 6.80 -22.04
CA GLY A 135 5.91 5.87 -20.94
C GLY A 135 6.72 4.60 -21.05
N LEU A 136 6.85 4.02 -22.25
CA LEU A 136 7.48 2.70 -22.28
C LEU A 136 8.92 2.76 -22.78
N PHE A 137 9.26 3.79 -23.57
CA PHE A 137 10.62 3.92 -24.07
C PHE A 137 11.64 4.14 -22.97
N PRO A 138 11.47 5.09 -22.03
CA PRO A 138 12.55 5.36 -21.06
C PRO A 138 12.71 4.28 -20.01
N ILE A 139 11.67 3.52 -19.69
CA ILE A 139 11.83 2.42 -18.75
C ILE A 139 12.70 1.32 -19.37
N PHE A 140 12.68 1.21 -20.69
CA PHE A 140 13.61 0.32 -21.39
C PHE A 140 15.05 0.73 -21.15
N ALA A 141 15.29 1.98 -20.81
CA ALA A 141 16.64 2.51 -20.62
C ALA A 141 17.11 2.46 -19.17
N THR A 142 16.28 1.96 -18.25
CA THR A 142 16.64 1.96 -16.85
C THR A 142 16.55 0.59 -16.20
N GLN A 143 15.61 -0.24 -16.64
CA GLN A 143 15.43 -1.59 -16.09
C GLN A 143 16.34 -2.56 -16.85
N SER A 144 17.09 -3.37 -16.11
CA SER A 144 18.04 -4.31 -16.68
C SER A 144 17.88 -5.68 -16.04
N ASN A 145 18.35 -6.70 -16.76
CA ASN A 145 18.29 -8.09 -16.29
C ASN A 145 19.48 -8.36 -15.36
N ASP A 146 19.40 -7.78 -14.17
CA ASP A 146 20.49 -7.83 -13.20
C ASP A 146 20.39 -9.03 -12.28
N PHE A 147 19.34 -9.84 -12.41
CA PHE A 147 19.12 -10.95 -11.49
C PHE A 147 19.55 -12.28 -12.10
N ALA A 148 18.93 -12.66 -13.22
CA ALA A 148 19.24 -13.93 -13.86
C ALA A 148 20.55 -13.89 -14.62
N LEU A 149 20.87 -12.75 -15.23
CA LEU A 149 22.03 -12.62 -16.10
C LEU A 149 23.22 -11.99 -15.40
N GLY A 150 23.06 -10.80 -14.85
CA GLY A 150 24.21 -10.07 -14.32
C GLY A 150 24.86 -10.76 -13.12
N TYR A 151 24.04 -11.40 -12.27
CA TYR A 151 24.57 -11.99 -11.05
C TYR A 151 25.61 -13.07 -11.32
N PRO A 152 25.41 -14.01 -12.26
CA PRO A 152 26.50 -14.96 -12.55
C PRO A 152 27.81 -14.30 -12.93
N ILE A 153 27.79 -13.26 -13.77
CA ILE A 153 29.04 -12.61 -14.13
C ILE A 153 29.66 -11.92 -12.92
N VAL A 154 28.85 -11.20 -12.14
CA VAL A 154 29.44 -10.45 -11.03
C VAL A 154 30.01 -11.40 -9.99
N GLU A 155 29.38 -12.56 -9.78
CA GLU A 155 29.95 -13.52 -8.84
C GLU A 155 31.17 -14.20 -9.44
N ALA A 156 31.18 -14.41 -10.76
CA ALA A 156 32.34 -15.06 -11.38
C ALA A 156 33.54 -14.13 -11.39
N LEU A 157 33.30 -12.82 -11.31
CA LEU A 157 34.40 -11.87 -11.35
C LEU A 157 34.77 -11.36 -9.95
N TYR A 158 33.86 -11.48 -8.98
CA TYR A 158 34.07 -10.89 -7.68
C TYR A 158 33.73 -11.87 -6.57
N GLN A 159 34.14 -13.13 -6.72
CA GLN A 159 33.84 -14.15 -5.71
C GLN A 159 34.89 -14.17 -4.61
N THR A 160 36.16 -14.07 -4.97
CA THR A 160 37.25 -14.18 -4.00
C THR A 160 37.97 -12.87 -3.76
N THR A 161 37.77 -11.86 -4.60
CA THR A 161 38.52 -10.60 -4.53
C THR A 161 37.69 -9.51 -3.86
N TYR A 162 36.49 -9.23 -4.38
CA TYR A 162 35.51 -8.37 -3.72
C TYR A 162 34.18 -9.10 -3.60
N PRO A 163 34.04 -9.99 -2.61
CA PRO A 163 32.74 -10.67 -2.44
C PRO A 163 31.61 -9.72 -2.10
N GLU A 164 31.89 -8.66 -1.37
CA GLU A 164 30.84 -7.75 -0.90
C GLU A 164 30.06 -7.16 -2.06
N TYR A 165 30.69 -7.05 -3.23
CA TYR A 165 30.01 -6.51 -4.40
C TYR A 165 28.72 -7.27 -4.70
N LEU A 166 28.71 -8.58 -4.44
CA LEU A 166 27.55 -9.41 -4.75
C LEU A 166 26.30 -8.92 -4.03
N GLN A 167 26.46 -8.26 -2.88
CA GLN A 167 25.29 -7.81 -2.14
C GLN A 167 24.72 -6.49 -2.64
N TYR A 168 25.43 -5.77 -3.52
CA TYR A 168 24.88 -4.50 -4.00
C TYR A 168 23.81 -4.70 -5.07
N ILE A 169 23.84 -5.82 -5.79
CA ILE A 169 22.90 -6.02 -6.90
C ILE A 169 21.46 -5.94 -6.40
N TYR A 170 21.17 -6.65 -5.32
CA TYR A 170 19.82 -6.64 -4.77
C TYR A 170 19.41 -5.29 -4.21
N LEU A 171 20.35 -4.36 -4.07
CA LEU A 171 20.05 -3.00 -3.65
C LEU A 171 19.76 -2.09 -4.83
N VAL A 172 20.05 -2.52 -6.06
CA VAL A 172 19.87 -1.66 -7.22
C VAL A 172 18.49 -1.81 -7.83
N ALA A 173 18.18 -3.01 -8.31
CA ALA A 173 16.97 -3.23 -9.09
C ALA A 173 15.69 -2.82 -8.35
N PRO A 174 15.46 -3.22 -7.09
CA PRO A 174 14.20 -2.83 -6.44
C PRO A 174 14.09 -1.34 -6.22
N ILE A 175 15.12 -0.74 -5.60
CA ILE A 175 15.03 0.66 -5.21
C ILE A 175 14.85 1.54 -6.44
N SER A 176 15.63 1.30 -7.49
CA SER A 176 15.41 2.00 -8.75
C SER A 176 13.98 1.76 -9.25
N LEU A 177 13.53 0.51 -9.21
CA LEU A 177 12.17 0.20 -9.62
C LEU A 177 11.14 0.92 -8.76
N MET A 178 11.53 1.33 -7.54
CA MET A 178 10.63 2.07 -6.69
C MET A 178 10.38 3.48 -7.23
N MET A 179 11.40 4.08 -7.86
CA MET A 179 11.33 5.49 -8.23
C MET A 179 10.99 5.70 -9.70
N LEU A 180 11.81 5.14 -10.60
CA LEU A 180 11.74 5.52 -12.00
C LEU A 180 10.54 4.91 -12.71
N ASN A 181 10.29 3.61 -12.52
CA ASN A 181 9.25 2.92 -13.25
C ASN A 181 7.86 3.46 -12.94
N PRO A 182 7.50 3.72 -11.68
CA PRO A 182 6.14 4.25 -11.42
C PRO A 182 5.82 5.48 -12.22
N ILE A 183 6.78 6.41 -12.34
CA ILE A 183 6.58 7.60 -13.15
C ILE A 183 6.10 7.22 -14.54
N GLY A 184 6.88 6.39 -15.24
CA GLY A 184 6.46 5.93 -16.55
C GLY A 184 5.06 5.37 -16.55
N PHE A 185 4.72 4.59 -15.51
CA PHE A 185 3.39 4.00 -15.45
C PHE A 185 2.29 5.03 -15.64
N ILE A 186 2.37 6.16 -14.92
CA ILE A 186 1.24 7.08 -15.00
C ILE A 186 1.13 7.64 -16.42
N PHE A 187 2.26 7.85 -17.09
CA PHE A 187 2.21 8.28 -18.48
C PHE A 187 1.42 7.29 -19.31
N CYS A 188 1.70 6.00 -19.15
CA CYS A 188 0.90 4.98 -19.82
C CYS A 188 -0.58 5.18 -19.49
N GLU A 189 -0.90 5.33 -18.20
CA GLU A 189 -2.28 5.57 -17.82
C GLU A 189 -2.81 6.83 -18.49
N ILE A 190 -1.99 7.89 -18.53
CA ILE A 190 -2.40 9.11 -19.24
C ILE A 190 -2.77 8.76 -20.67
N GLN A 191 -1.92 8.01 -21.35
CA GLN A 191 -2.24 7.57 -22.70
C GLN A 191 -3.57 6.82 -22.70
N LYS A 192 -3.70 5.84 -21.81
CA LYS A 192 -4.97 5.10 -21.73
C LYS A 192 -6.12 6.05 -21.47
N TRP A 193 -5.90 7.04 -20.60
CA TRP A 193 -6.97 8.00 -20.32
C TRP A 193 -7.35 8.76 -21.59
N LYS A 194 -6.34 9.23 -22.33
CA LYS A 194 -6.68 9.95 -23.56
C LYS A 194 -7.11 8.99 -24.66
N ASP A 195 -6.89 7.69 -24.45
CA ASP A 195 -7.47 6.70 -25.35
C ASP A 195 -8.95 6.50 -25.03
N THR A 196 -9.35 6.74 -23.78
CA THR A 196 -10.74 6.57 -23.39
C THR A 196 -11.57 7.83 -23.56
N GLN A 197 -10.92 8.99 -23.61
CA GLN A 197 -11.61 10.29 -23.74
C GLN A 197 -12.65 10.47 -22.62
N ASN A 198 -12.29 10.03 -21.42
CA ASN A 198 -13.15 10.14 -20.24
C ASN A 198 -12.57 11.24 -19.36
N ALA A 199 -13.10 12.46 -19.51
CA ALA A 199 -12.62 13.59 -18.74
C ALA A 199 -13.03 13.54 -17.26
N SER A 200 -13.91 12.61 -16.90
CA SER A 200 -14.33 12.49 -15.49
C SER A 200 -13.17 12.07 -14.60
N GLN A 201 -12.30 11.19 -15.09
CA GLN A 201 -11.16 10.73 -14.30
C GLN A 201 -10.20 11.88 -14.02
N ASN A 202 -9.75 11.97 -12.77
CA ASN A 202 -8.83 13.00 -12.35
C ASN A 202 -7.42 12.43 -12.22
N LYS A 203 -6.48 13.32 -11.87
CA LYS A 203 -5.10 12.90 -11.70
C LYS A 203 -4.93 11.96 -10.52
N ILE A 204 -5.78 12.11 -9.49
CA ILE A 204 -5.68 11.26 -8.31
C ILE A 204 -5.92 9.80 -8.68
N LYS A 205 -6.95 9.54 -9.49
CA LYS A 205 -7.23 8.17 -9.91
C LYS A 205 -6.07 7.60 -10.73
N ILE A 206 -5.49 8.42 -11.61
CA ILE A 206 -4.42 7.94 -12.47
C ILE A 206 -3.18 7.60 -11.64
N VAL A 207 -2.80 8.47 -10.72
CA VAL A 207 -1.63 8.21 -9.89
C VAL A 207 -1.88 7.02 -8.97
N GLY A 208 -3.12 6.88 -8.48
CA GLY A 208 -3.46 5.71 -7.68
C GLY A 208 -3.33 4.42 -8.47
N LEU A 209 -3.81 4.43 -9.71
CA LEU A 209 -3.67 3.25 -10.56
C LEU A 209 -2.20 2.93 -10.83
N GLY A 210 -1.39 3.97 -11.08
CA GLY A 210 0.03 3.73 -11.33
C GLY A 210 0.74 3.14 -10.13
N LEU A 211 0.50 3.69 -8.94
CA LEU A 211 1.09 3.15 -7.72
C LEU A 211 0.58 1.75 -7.45
N LEU A 212 -0.70 1.48 -7.72
CA LEU A 212 -1.23 0.14 -7.54
C LEU A 212 -0.55 -0.85 -8.47
N ARG A 213 -0.33 -0.46 -9.73
CA ARG A 213 0.37 -1.36 -10.66
C ARG A 213 1.79 -1.62 -10.19
N VAL A 214 2.52 -0.58 -9.78
CA VAL A 214 3.92 -0.79 -9.43
C VAL A 214 4.06 -1.56 -8.12
N LEU A 215 3.17 -1.33 -7.15
CA LEU A 215 3.22 -2.11 -5.91
C LEU A 215 2.69 -3.53 -6.11
N GLN A 216 1.87 -3.74 -7.15
CA GLN A 216 1.41 -5.08 -7.47
C GLN A 216 2.54 -5.95 -7.99
N ASN A 217 3.63 -5.36 -8.47
CA ASN A 217 4.78 -6.15 -8.87
C ASN A 217 5.32 -6.90 -7.66
N PRO A 218 5.56 -8.21 -7.79
CA PRO A 218 5.92 -9.01 -6.60
C PRO A 218 7.15 -8.50 -5.85
N ILE A 219 8.16 -8.05 -6.58
CA ILE A 219 9.48 -7.82 -5.99
C ILE A 219 9.41 -6.75 -4.92
N VAL A 220 8.57 -5.72 -5.11
CA VAL A 220 8.56 -4.61 -4.16
C VAL A 220 8.09 -5.09 -2.80
N PHE A 221 7.06 -5.94 -2.75
CA PHE A 221 6.57 -6.33 -1.44
C PHE A 221 7.37 -7.51 -0.86
N MET A 222 8.02 -8.35 -1.69
CA MET A 222 8.99 -9.22 -1.04
C MET A 222 10.18 -8.43 -0.48
N VAL A 223 10.59 -7.35 -1.13
CA VAL A 223 11.65 -6.51 -0.57
C VAL A 223 11.20 -5.90 0.75
N PHE A 224 9.97 -5.40 0.80
CA PHE A 224 9.47 -4.81 2.04
C PHE A 224 9.38 -5.85 3.16
N ILE A 225 8.87 -7.06 2.84
CA ILE A 225 8.75 -8.08 3.87
C ILE A 225 10.13 -8.58 4.30
N GLY A 226 11.09 -8.60 3.37
CA GLY A 226 12.44 -8.99 3.75
C GLY A 226 13.10 -7.98 4.66
N ILE A 227 12.89 -6.69 4.39
CA ILE A 227 13.39 -5.65 5.30
C ILE A 227 12.74 -5.81 6.67
N ALA A 228 11.42 -6.05 6.69
CA ALA A 228 10.73 -6.24 7.96
C ALA A 228 11.26 -7.44 8.72
N PHE A 229 11.50 -8.55 8.03
CA PHE A 229 12.03 -9.75 8.69
C PHE A 229 13.46 -9.55 9.17
N ASN A 230 14.28 -8.81 8.42
CA ASN A 230 15.63 -8.50 8.90
C ASN A 230 15.56 -7.65 10.15
N PHE A 231 14.64 -6.67 10.20
CA PHE A 231 14.47 -5.87 11.39
C PHE A 231 14.01 -6.72 12.58
N ILE A 232 13.05 -7.61 12.34
CA ILE A 232 12.44 -8.36 13.44
C ILE A 232 13.41 -9.42 13.98
N LEU A 233 14.01 -10.21 13.10
CA LEU A 233 14.81 -11.35 13.51
C LEU A 233 16.22 -10.97 13.96
N ASP A 234 16.61 -9.71 13.80
CA ASP A 234 17.94 -9.23 14.22
C ASP A 234 19.05 -10.05 13.55
N ARG A 235 19.00 -10.12 12.23
CA ARG A 235 20.01 -10.80 11.41
C ARG A 235 20.13 -12.28 11.80
N LYS A 236 19.03 -13.00 11.60
CA LYS A 236 19.00 -14.44 11.86
C LYS A 236 18.15 -15.12 10.78
N VAL A 237 18.54 -16.34 10.44
CA VAL A 237 17.84 -17.14 9.43
C VAL A 237 17.31 -18.39 10.09
N PRO A 238 16.01 -18.68 9.99
CA PRO A 238 15.49 -19.92 10.58
C PRO A 238 16.02 -21.15 9.85
N VAL A 239 16.53 -22.10 10.63
CA VAL A 239 17.10 -23.31 10.04
C VAL A 239 16.02 -24.16 9.38
N TYR A 240 14.81 -24.18 9.96
CA TYR A 240 13.75 -25.03 9.44
C TYR A 240 13.38 -24.66 8.01
N VAL A 241 13.58 -23.41 7.61
CA VAL A 241 13.26 -22.95 6.26
C VAL A 241 14.50 -22.55 5.48
N GLU A 242 15.69 -22.57 6.11
CA GLU A 242 16.91 -22.19 5.40
C GLU A 242 17.20 -23.14 4.25
N ASN A 243 17.05 -24.45 4.48
CA ASN A 243 17.27 -25.41 3.42
C ASN A 243 16.27 -25.24 2.28
N PHE A 244 15.01 -25.01 2.61
CA PHE A 244 13.99 -24.79 1.59
C PHE A 244 14.32 -23.55 0.76
N LEU A 245 14.71 -22.47 1.43
CA LEU A 245 15.07 -21.25 0.72
C LEU A 245 16.27 -21.46 -0.18
N ASP A 246 17.28 -22.19 0.31
CA ASP A 246 18.46 -22.47 -0.52
C ASP A 246 18.08 -23.29 -1.74
N GLY A 247 17.23 -24.31 -1.55
CA GLY A 247 16.82 -25.13 -2.67
C GLY A 247 16.04 -24.35 -3.71
N LEU A 248 15.15 -23.47 -3.26
CA LEU A 248 14.38 -22.67 -4.22
C LEU A 248 15.24 -21.65 -4.93
N GLY A 249 16.19 -21.04 -4.21
CA GLY A 249 16.98 -19.97 -4.81
C GLY A 249 18.12 -20.43 -5.68
N ASN A 250 18.67 -21.62 -5.41
CA ASN A 250 19.79 -22.10 -6.20
C ASN A 250 19.39 -22.42 -7.63
N SER A 251 18.18 -22.94 -7.83
CA SER A 251 17.71 -23.30 -9.16
C SER A 251 17.06 -22.13 -9.89
N PHE A 252 17.01 -20.95 -9.28
CA PHE A 252 16.35 -19.82 -9.92
C PHE A 252 17.06 -19.40 -11.20
N SER A 253 18.40 -19.36 -11.17
CA SER A 253 19.15 -18.82 -12.30
C SER A 253 18.95 -19.66 -13.55
N GLY A 254 19.17 -20.98 -13.45
CA GLY A 254 19.02 -21.83 -14.61
C GLY A 254 17.61 -21.83 -15.17
N SER A 255 16.61 -21.92 -14.29
CA SER A 255 15.23 -21.92 -14.74
C SER A 255 14.86 -20.59 -15.39
N ALA A 256 15.32 -19.48 -14.83
CA ALA A 256 15.03 -18.17 -15.42
C ALA A 256 15.67 -18.03 -16.79
N LEU A 257 16.92 -18.47 -16.93
CA LEU A 257 17.57 -18.40 -18.24
C LEU A 257 16.88 -19.31 -19.24
N PHE A 258 16.44 -20.50 -18.80
CA PHE A 258 15.72 -21.41 -19.68
C PHE A 258 14.42 -20.79 -20.15
N TYR A 259 13.66 -20.18 -19.25
CA TYR A 259 12.41 -19.52 -19.63
C TYR A 259 12.69 -18.36 -20.58
N LEU A 260 13.75 -17.60 -20.33
CA LEU A 260 14.11 -16.52 -21.23
C LEU A 260 14.41 -17.05 -22.62
N GLY A 261 15.16 -18.15 -22.71
CA GLY A 261 15.43 -18.75 -24.00
C GLY A 261 14.18 -19.23 -24.71
N LEU A 262 13.24 -19.82 -23.96
CA LEU A 262 11.97 -20.23 -24.56
C LEU A 262 11.15 -19.05 -25.02
N THR A 263 11.27 -17.89 -24.37
CA THR A 263 10.45 -16.73 -24.68
C THR A 263 11.01 -15.86 -25.79
N MET A 264 11.81 -16.42 -26.69
CA MET A 264 12.32 -15.68 -27.85
C MET A 264 12.27 -16.54 -29.11
N VAL A 265 11.33 -17.49 -29.18
CA VAL A 265 11.32 -18.44 -30.28
C VAL A 265 10.91 -17.77 -31.59
N GLY A 266 9.89 -16.92 -31.55
CA GLY A 266 9.37 -16.33 -32.78
C GLY A 266 8.95 -14.88 -32.67
N LYS A 267 9.61 -14.12 -31.79
CA LYS A 267 9.23 -12.75 -31.53
C LYS A 267 10.04 -11.73 -32.33
N ILE A 268 10.88 -12.16 -33.25
CA ILE A 268 11.68 -11.27 -34.07
C ILE A 268 11.02 -11.15 -35.45
N LYS A 269 10.62 -9.94 -35.81
CA LYS A 269 9.95 -9.69 -37.07
C LYS A 269 10.53 -8.45 -37.72
N ARG A 270 10.33 -8.34 -39.03
CA ARG A 270 10.80 -7.20 -39.78
C ARG A 270 10.05 -5.93 -39.38
N LEU A 271 10.79 -4.82 -39.30
CA LEU A 271 10.25 -3.52 -38.91
C LEU A 271 10.65 -2.50 -39.96
N LYS A 272 10.21 -1.25 -39.76
CA LYS A 272 10.45 -0.20 -40.72
C LYS A 272 11.76 0.52 -40.42
N LYS A 273 12.15 1.41 -41.34
CA LYS A 273 13.42 2.11 -41.19
C LYS A 273 13.44 3.01 -39.96
N SER A 274 12.35 3.73 -39.72
CA SER A 274 12.28 4.57 -38.53
C SER A 274 12.31 3.73 -37.26
N ALA A 275 11.64 2.58 -37.28
CA ALA A 275 11.70 1.66 -36.14
C ALA A 275 13.12 1.18 -35.90
N PHE A 276 13.83 0.83 -36.98
CA PHE A 276 15.23 0.41 -36.84
C PHE A 276 16.07 1.54 -36.26
N VAL A 277 15.87 2.77 -36.73
CA VAL A 277 16.68 3.89 -36.27
C VAL A 277 16.42 4.16 -34.79
N VAL A 278 15.15 4.20 -34.38
CA VAL A 278 14.86 4.47 -32.98
C VAL A 278 15.34 3.32 -32.10
N LEU A 279 15.26 2.08 -32.59
CA LEU A 279 15.76 0.95 -31.82
C LEU A 279 17.27 1.04 -31.64
N ILE A 280 17.99 1.41 -32.70
CA ILE A 280 19.43 1.56 -32.59
C ILE A 280 19.78 2.68 -31.61
N LEU A 281 19.04 3.79 -31.68
CA LEU A 281 19.25 4.87 -30.71
C LEU A 281 19.04 4.37 -29.28
N LEU A 282 17.96 3.61 -29.06
CA LEU A 282 17.69 3.08 -27.74
C LEU A 282 18.83 2.18 -27.26
N ILE A 283 19.30 1.29 -28.12
CA ILE A 283 20.34 0.35 -27.72
C ILE A 283 21.64 1.08 -27.40
N THR A 284 22.01 2.05 -28.25
CA THR A 284 23.20 2.85 -27.96
C THR A 284 23.05 3.60 -26.64
N ALA A 285 21.84 4.07 -26.34
CA ALA A 285 21.60 4.66 -25.03
C ALA A 285 21.83 3.64 -23.93
N LYS A 286 21.34 2.41 -24.13
CA LYS A 286 21.46 1.38 -23.11
C LYS A 286 22.91 1.09 -22.78
N LEU A 287 23.72 0.86 -23.81
CA LEU A 287 25.03 0.26 -23.60
C LEU A 287 26.19 1.23 -23.65
N LEU A 288 25.96 2.46 -24.11
CA LEU A 288 27.03 3.44 -24.20
C LEU A 288 26.83 4.64 -23.30
N VAL A 289 25.59 4.95 -22.92
CA VAL A 289 25.31 6.17 -22.19
C VAL A 289 25.35 5.95 -20.68
N LEU A 290 24.49 5.06 -20.17
CA LEU A 290 24.52 4.76 -18.74
C LEU A 290 25.89 4.31 -18.24
N PRO A 291 26.60 3.40 -18.91
CA PRO A 291 27.91 2.99 -18.36
C PRO A 291 28.89 4.15 -18.23
N LEU A 292 28.99 5.00 -19.25
CA LEU A 292 29.93 6.12 -19.20
C LEU A 292 29.50 7.14 -18.14
N LEU A 293 28.21 7.46 -18.08
CA LEU A 293 27.74 8.41 -17.08
C LEU A 293 27.98 7.88 -15.67
N CYS A 294 27.71 6.58 -15.46
CA CYS A 294 27.99 5.98 -14.17
C CYS A 294 29.46 6.09 -13.82
N ARG A 295 30.34 5.77 -14.77
CA ARG A 295 31.77 5.97 -14.54
C ARG A 295 32.07 7.39 -14.07
N GLU A 296 31.61 8.37 -14.84
CA GLU A 296 32.05 9.74 -14.60
C GLU A 296 31.54 10.24 -13.26
N MET A 297 30.27 9.97 -12.94
CA MET A 297 29.75 10.56 -11.70
C MET A 297 30.02 9.70 -10.48
N VAL A 298 30.37 8.41 -10.66
CA VAL A 298 30.96 7.67 -9.55
C VAL A 298 32.33 8.23 -9.21
N GLU A 299 33.14 8.53 -10.23
CA GLU A 299 34.41 9.19 -9.98
C GLU A 299 34.19 10.56 -9.34
N LEU A 300 33.11 11.25 -9.73
CA LEU A 300 32.83 12.57 -9.17
C LEU A 300 32.44 12.49 -7.70
N LEU A 301 31.46 11.64 -7.37
CA LEU A 301 30.90 11.64 -6.02
C LEU A 301 31.90 11.12 -4.98
N ASP A 302 32.54 10.00 -5.28
CA ASP A 302 33.46 9.41 -4.32
C ASP A 302 34.70 10.28 -4.15
N LYS A 303 35.18 10.36 -2.91
CA LYS A 303 36.40 11.10 -2.59
C LYS A 303 37.26 10.34 -1.59
N GLY A 304 37.22 9.00 -1.63
CA GLY A 304 37.97 8.20 -0.68
C GLY A 304 39.43 8.02 -1.07
N ASP A 305 40.16 7.37 -0.17
CA ASP A 305 41.59 7.13 -0.37
C ASP A 305 41.82 5.76 -0.98
N SER A 306 43.09 5.36 -1.08
CA SER A 306 43.49 4.06 -1.63
C SER A 306 42.96 3.88 -3.05
N VAL A 307 43.43 4.77 -3.94
CA VAL A 307 42.87 4.98 -5.27
C VAL A 307 42.58 3.69 -6.03
N VAL A 308 43.26 2.60 -5.66
CA VAL A 308 42.96 1.30 -6.24
C VAL A 308 41.52 0.91 -5.97
N ASN A 309 41.03 1.18 -4.76
CA ASN A 309 39.63 0.85 -4.44
C ASN A 309 38.69 1.67 -5.33
N HIS A 310 38.99 2.96 -5.52
CA HIS A 310 38.15 3.80 -6.37
C HIS A 310 38.13 3.29 -7.81
N THR A 311 39.30 2.89 -8.32
CA THR A 311 39.35 2.31 -9.67
C THR A 311 38.50 1.06 -9.75
N SER A 312 38.57 0.18 -8.74
CA SER A 312 37.75 -1.01 -8.74
C SER A 312 36.27 -0.65 -8.66
N LEU A 313 35.94 0.41 -7.93
CA LEU A 313 34.55 0.83 -7.81
C LEU A 313 34.02 1.28 -9.16
N SER A 314 34.83 2.06 -9.87
CA SER A 314 34.46 2.49 -11.22
C SER A 314 34.33 1.29 -12.16
N ASN A 315 35.21 0.30 -12.02
CA ASN A 315 35.09 -0.90 -12.83
C ASN A 315 33.77 -1.61 -12.57
N TYR A 316 33.41 -1.76 -11.29
CA TYR A 316 32.13 -2.38 -10.95
C TYR A 316 30.97 -1.60 -11.54
N ALA A 317 31.00 -0.27 -11.41
CA ALA A 317 29.90 0.53 -11.92
C ALA A 317 29.78 0.41 -13.43
N PHE A 318 30.91 0.45 -14.14
CA PHE A 318 30.86 0.39 -15.59
C PHE A 318 30.38 -0.98 -16.06
N LEU A 319 30.87 -2.05 -15.45
CA LEU A 319 30.38 -3.39 -15.80
C LEU A 319 28.92 -3.54 -15.45
N TYR A 320 28.45 -2.88 -14.39
CA TYR A 320 27.03 -2.93 -14.09
C TYR A 320 26.21 -2.22 -15.16
N GLY A 321 26.71 -1.08 -15.65
CA GLY A 321 25.94 -0.30 -16.59
C GLY A 321 25.68 -0.99 -17.91
N VAL A 322 26.47 -2.02 -18.23
CA VAL A 322 26.41 -2.64 -19.55
C VAL A 322 25.51 -3.86 -19.55
N PHE A 323 24.81 -4.11 -18.44
CA PHE A 323 23.96 -5.28 -18.37
C PHE A 323 22.74 -5.13 -19.28
N PRO A 324 22.27 -6.23 -19.87
CA PRO A 324 21.19 -6.15 -20.86
C PRO A 324 19.84 -5.87 -20.23
N VAL A 325 18.78 -5.91 -21.04
CA VAL A 325 17.45 -5.46 -20.66
C VAL A 325 16.65 -6.66 -20.16
N ALA A 326 16.00 -6.49 -19.00
CA ALA A 326 15.17 -7.55 -18.43
C ALA A 326 13.88 -7.69 -19.23
N PRO A 327 13.29 -8.89 -19.24
CA PRO A 327 12.00 -9.08 -19.92
C PRO A 327 10.82 -8.45 -19.18
N GLY A 328 11.04 -7.83 -18.03
CA GLY A 328 9.93 -7.20 -17.31
C GLY A 328 9.26 -6.09 -18.09
N VAL A 329 10.05 -5.32 -18.84
CA VAL A 329 9.48 -4.27 -19.68
C VAL A 329 8.61 -4.88 -20.78
N ALA A 330 9.00 -6.05 -21.29
CA ALA A 330 8.16 -6.74 -22.25
C ALA A 330 6.82 -7.14 -21.64
N ILE A 331 6.84 -7.60 -20.38
CA ILE A 331 5.61 -7.94 -19.69
C ILE A 331 4.76 -6.68 -19.50
N PHE A 332 5.39 -5.56 -19.15
CA PHE A 332 4.66 -4.32 -18.97
C PHE A 332 4.00 -3.87 -20.27
N ALA A 333 4.73 -3.98 -21.39
CA ALA A 333 4.14 -3.64 -22.67
C ALA A 333 2.99 -4.58 -23.00
N THR A 334 3.15 -5.87 -22.72
CA THR A 334 2.10 -6.85 -23.01
C THR A 334 0.84 -6.55 -22.22
N GLN A 335 0.97 -6.23 -20.93
CA GLN A 335 -0.21 -5.91 -20.14
C GLN A 335 -0.81 -4.57 -20.55
N PHE A 336 0.04 -3.64 -20.99
CA PHE A 336 -0.47 -2.38 -21.53
C PHE A 336 -0.92 -2.50 -22.98
N ASN A 337 -0.52 -3.57 -23.66
CA ASN A 337 -0.95 -3.85 -25.04
C ASN A 337 -0.62 -2.67 -25.97
N MET A 338 0.58 -2.14 -25.82
CA MET A 338 1.01 -1.00 -26.62
C MET A 338 2.47 -1.16 -26.97
N GLU A 339 2.76 -1.16 -28.28
CA GLU A 339 4.13 -1.22 -28.80
C GLU A 339 4.90 -2.42 -28.23
N VAL A 340 4.23 -3.58 -28.22
CA VAL A 340 4.83 -4.77 -27.65
C VAL A 340 5.97 -5.29 -28.55
N GLU A 341 5.76 -5.26 -29.87
CA GLU A 341 6.71 -5.90 -30.77
C GLU A 341 8.07 -5.21 -30.74
N ILE A 342 8.08 -3.88 -30.72
CA ILE A 342 9.35 -3.14 -30.75
C ILE A 342 10.13 -3.39 -29.45
N ILE A 343 9.43 -3.39 -28.32
CA ILE A 343 10.07 -3.62 -27.04
C ILE A 343 10.64 -5.04 -26.98
N THR A 344 9.87 -6.02 -27.43
CA THR A 344 10.33 -7.40 -27.41
C THR A 344 11.55 -7.58 -28.31
N SER A 345 11.50 -7.01 -29.51
CA SER A 345 12.64 -7.10 -30.42
C SER A 345 13.87 -6.44 -29.82
N GLY A 346 13.70 -5.26 -29.23
CA GLY A 346 14.82 -4.58 -28.60
C GLY A 346 15.43 -5.39 -27.49
N MET A 347 14.59 -6.00 -26.65
CA MET A 347 15.10 -6.80 -25.54
C MET A 347 15.87 -8.01 -26.06
N VAL A 348 15.29 -8.74 -27.02
CA VAL A 348 15.92 -9.98 -27.48
C VAL A 348 17.23 -9.66 -28.20
N ILE A 349 17.28 -8.54 -28.93
CA ILE A 349 18.53 -8.14 -29.56
C ILE A 349 19.54 -7.71 -28.50
N SER A 350 19.08 -7.01 -27.46
CA SER A 350 19.99 -6.53 -26.42
C SER A 350 20.66 -7.67 -25.69
N THR A 351 19.91 -8.76 -25.42
CA THR A 351 20.52 -9.90 -24.73
C THR A 351 21.72 -10.42 -25.52
N PHE A 352 21.58 -10.55 -26.84
CA PHE A 352 22.68 -11.06 -27.65
C PHE A 352 23.80 -10.04 -27.77
N VAL A 353 23.47 -8.77 -27.97
CA VAL A 353 24.49 -7.76 -28.20
C VAL A 353 25.29 -7.46 -26.94
N SER A 354 24.72 -7.72 -25.75
CA SER A 354 25.39 -7.38 -24.51
C SER A 354 26.73 -8.11 -24.37
N ALA A 355 26.77 -9.39 -24.73
CA ALA A 355 27.93 -10.22 -24.41
C ALA A 355 29.23 -9.70 -25.04
N PRO A 356 29.32 -9.45 -26.34
CA PRO A 356 30.59 -8.95 -26.88
C PRO A 356 31.00 -7.62 -26.27
N ILE A 357 30.04 -6.74 -26.01
CA ILE A 357 30.37 -5.42 -25.49
C ILE A 357 30.88 -5.52 -24.06
N MET A 358 30.22 -6.31 -23.22
CA MET A 358 30.70 -6.45 -21.85
C MET A 358 32.03 -7.16 -21.82
N TYR A 359 32.24 -8.10 -22.73
CA TYR A 359 33.50 -8.83 -22.82
C TYR A 359 34.65 -7.87 -23.15
N VAL A 360 34.49 -7.10 -24.22
CA VAL A 360 35.52 -6.14 -24.63
C VAL A 360 35.70 -5.09 -23.55
N SER A 361 34.62 -4.70 -22.88
CA SER A 361 34.74 -3.74 -21.78
C SER A 361 35.60 -4.29 -20.67
N ALA A 362 35.31 -5.51 -20.21
CA ALA A 362 36.09 -6.09 -19.13
C ALA A 362 37.56 -6.12 -19.50
N TRP A 363 37.87 -6.63 -20.71
CA TRP A 363 39.28 -6.71 -21.09
C TRP A 363 39.93 -5.33 -21.21
N LEU A 364 39.23 -4.36 -21.82
CA LEU A 364 39.81 -3.04 -22.03
C LEU A 364 40.07 -2.33 -20.71
N LEU A 365 39.14 -2.44 -19.76
CA LEU A 365 39.39 -1.94 -18.42
C LEU A 365 40.52 -2.67 -17.71
N THR A 366 40.73 -3.95 -18.02
CA THR A 366 41.82 -4.66 -17.35
C THR A 366 43.20 -4.29 -17.91
N PHE A 367 43.29 -3.94 -19.19
CA PHE A 367 44.61 -3.66 -19.76
C PHE A 367 45.44 -2.61 -19.02
N PRO A 368 44.91 -1.43 -18.67
CA PRO A 368 45.81 -0.37 -18.16
C PRO A 368 46.64 -0.79 -16.96
N THR A 369 46.09 -1.57 -16.05
CA THR A 369 46.81 -2.00 -14.85
C THR A 369 47.46 -3.36 -15.02
N MET A 370 48.24 -3.57 -16.09
CA MET A 370 49.03 -4.78 -16.24
C MET A 370 50.34 -4.48 -16.94
N ASP A 371 51.32 -5.35 -16.69
CA ASP A 371 52.64 -5.37 -17.30
C ASP A 371 52.53 -5.84 -18.75
N PRO A 372 53.44 -5.40 -19.64
CA PRO A 372 53.30 -5.77 -21.06
C PRO A 372 53.23 -7.28 -21.34
N LYS A 373 54.01 -8.09 -20.62
CA LYS A 373 53.89 -9.54 -20.81
C LYS A 373 52.53 -10.07 -20.39
N PRO A 374 51.96 -9.68 -19.25
CA PRO A 374 50.54 -10.01 -19.00
C PRO A 374 49.59 -9.50 -20.06
N LEU A 375 49.84 -8.33 -20.66
CA LEU A 375 49.00 -7.89 -21.77
C LEU A 375 49.09 -8.85 -22.95
N ALA A 376 50.30 -9.33 -23.26
CA ALA A 376 50.45 -10.30 -24.32
C ALA A 376 49.70 -11.59 -23.99
N TYR A 377 49.78 -12.03 -22.74
CA TYR A 377 49.04 -13.22 -22.34
C TYR A 377 47.54 -13.01 -22.50
N ALA A 378 47.06 -11.81 -22.12
CA ALA A 378 45.65 -11.50 -22.26
C ALA A 378 45.21 -11.46 -23.72
N ILE A 379 46.04 -10.91 -24.59
CA ILE A 379 45.65 -10.85 -26.00
C ILE A 379 45.65 -12.25 -26.60
N GLN A 380 46.59 -13.12 -26.22
CA GLN A 380 46.50 -14.51 -26.65
C GLN A 380 45.23 -15.17 -26.13
N ASN A 381 44.86 -14.89 -24.88
CA ASN A 381 43.67 -15.52 -24.30
C ASN A 381 42.41 -15.09 -25.05
N VAL A 382 42.25 -13.79 -25.28
CA VAL A 382 41.08 -13.30 -25.98
C VAL A 382 41.09 -13.78 -27.43
N SER A 383 42.28 -13.87 -28.04
CA SER A 383 42.38 -14.39 -29.39
C SER A 383 41.86 -15.82 -29.45
N PHE A 384 42.27 -16.66 -28.50
CA PHE A 384 41.76 -18.03 -28.45
C PHE A 384 40.26 -18.05 -28.26
N ASP A 385 39.74 -17.21 -27.38
CA ASP A 385 38.31 -17.25 -27.08
C ASP A 385 37.49 -16.90 -28.32
N ILE A 386 37.80 -15.75 -28.93
CA ILE A 386 37.08 -15.33 -30.12
C ILE A 386 37.33 -16.33 -31.25
N SER A 387 38.51 -16.95 -31.27
CA SER A 387 38.83 -17.89 -32.33
C SER A 387 37.97 -19.14 -32.24
N ILE A 388 37.78 -19.68 -31.04
CA ILE A 388 36.99 -20.90 -30.91
C ILE A 388 35.52 -20.60 -31.16
N VAL A 389 35.03 -19.45 -30.69
CA VAL A 389 33.63 -19.11 -30.98
C VAL A 389 33.45 -18.92 -32.49
N SER A 390 34.42 -18.28 -33.12
CA SER A 390 34.36 -18.10 -34.56
C SER A 390 34.48 -19.42 -35.31
N LEU A 391 35.24 -20.38 -34.79
CA LEU A 391 35.23 -21.72 -35.39
C LEU A 391 33.84 -22.31 -35.34
N ILE A 392 33.17 -22.23 -34.19
CA ILE A 392 31.81 -22.75 -34.13
C ILE A 392 30.98 -22.11 -35.24
N SER A 393 31.04 -20.78 -35.34
CA SER A 393 30.27 -20.07 -36.35
C SER A 393 30.67 -20.50 -37.76
N LEU A 394 31.97 -20.61 -38.04
CA LEU A 394 32.43 -20.87 -39.39
C LEU A 394 32.09 -22.26 -39.87
N ILE A 395 32.33 -23.28 -39.03
CA ILE A 395 31.93 -24.61 -39.45
C ILE A 395 30.41 -24.71 -39.59
N TRP A 396 29.64 -24.00 -38.76
CA TRP A 396 28.20 -24.01 -39.01
C TRP A 396 27.87 -23.44 -40.38
N SER A 397 28.48 -22.30 -40.70
CA SER A 397 28.22 -21.65 -41.98
C SER A 397 28.67 -22.50 -43.15
N LEU A 398 29.84 -23.12 -43.04
CA LEU A 398 30.34 -23.99 -44.09
C LEU A 398 29.42 -25.19 -44.31
N ALA A 399 28.93 -25.78 -43.22
CA ALA A 399 27.99 -26.87 -43.36
C ALA A 399 26.73 -26.41 -44.09
N ILE A 400 26.20 -25.25 -43.73
CA ILE A 400 25.00 -24.74 -44.40
C ILE A 400 25.27 -24.52 -45.88
N LEU A 401 26.39 -23.88 -46.22
CA LEU A 401 26.68 -23.55 -47.61
C LEU A 401 26.94 -24.81 -48.44
N LEU A 402 27.67 -25.78 -47.88
CA LEU A 402 27.94 -27.02 -48.61
C LEU A 402 26.68 -27.84 -48.81
N LEU A 403 25.80 -27.88 -47.81
CA LEU A 403 24.54 -28.59 -47.98
C LEU A 403 23.58 -27.84 -48.89
N SER A 404 23.79 -26.53 -49.08
CA SER A 404 22.95 -25.78 -50.01
C SER A 404 23.29 -26.10 -51.47
N LYS A 405 24.53 -26.46 -51.76
CA LYS A 405 25.00 -26.72 -53.13
C LYS A 405 24.80 -25.49 -54.02
N LYS A 406 24.98 -24.30 -53.46
CA LYS A 406 24.84 -23.06 -54.20
C LYS A 406 26.19 -22.46 -54.56
N TYR A 407 27.29 -23.18 -54.33
CA TYR A 407 28.62 -22.66 -54.62
C TYR A 407 29.10 -22.99 -56.02
N LYS A 408 28.26 -23.62 -56.85
CA LYS A 408 28.62 -23.93 -58.22
C LYS A 408 28.62 -22.72 -59.14
N GLN A 409 27.89 -21.66 -58.79
CA GLN A 409 27.76 -20.48 -59.64
C GLN A 409 28.33 -19.25 -58.92
N LEU A 410 28.81 -18.30 -59.72
CA LEU A 410 29.47 -17.13 -59.19
C LEU A 410 28.49 -16.29 -58.36
N PRO A 411 28.98 -15.61 -57.31
CA PRO A 411 30.36 -15.63 -56.82
C PRO A 411 30.50 -16.42 -55.51
N HIS A 412 29.88 -17.59 -55.45
CA HIS A 412 29.78 -18.28 -54.16
C HIS A 412 31.01 -19.12 -53.85
N MET A 413 31.66 -19.72 -54.87
CA MET A 413 32.78 -20.62 -54.60
C MET A 413 33.93 -19.89 -53.93
N LEU A 414 34.22 -18.67 -54.37
CA LEU A 414 35.32 -17.93 -53.79
C LEU A 414 34.99 -17.48 -52.37
N THR A 415 33.70 -17.19 -52.10
CA THR A 415 33.29 -16.88 -50.75
C THR A 415 33.47 -18.09 -49.83
N THR A 416 33.13 -19.27 -50.33
CA THR A 416 33.38 -20.49 -49.56
C THR A 416 34.87 -20.68 -49.32
N ASN A 417 35.70 -20.40 -50.33
CA ASN A 417 37.15 -20.50 -50.14
C ASN A 417 37.64 -19.53 -49.08
N LEU A 418 37.12 -18.31 -49.07
CA LEU A 418 37.48 -17.34 -48.05
C LEU A 418 37.04 -17.82 -46.66
N LEU A 419 35.85 -18.40 -46.58
CA LEU A 419 35.39 -18.98 -45.32
C LEU A 419 36.33 -20.09 -44.86
N ILE A 420 36.80 -20.91 -45.79
CA ILE A 420 37.75 -21.96 -45.47
C ILE A 420 39.04 -21.37 -44.93
N ALA A 421 39.52 -20.29 -45.56
CA ALA A 421 40.72 -19.61 -45.07
C ALA A 421 40.53 -19.09 -43.66
N GLN A 422 39.34 -18.54 -43.38
CA GLN A 422 39.03 -18.09 -42.02
C GLN A 422 39.08 -19.25 -41.04
N SER A 423 38.46 -20.37 -41.40
CA SER A 423 38.46 -21.53 -40.50
C SER A 423 39.87 -22.01 -40.24
N ILE A 424 40.71 -22.05 -41.28
CA ILE A 424 42.07 -22.51 -41.11
C ILE A 424 42.87 -21.56 -40.23
N VAL A 425 42.70 -20.25 -40.42
CA VAL A 425 43.49 -19.31 -39.63
C VAL A 425 43.05 -19.35 -38.17
N CYS A 426 41.77 -19.60 -37.92
CA CYS A 426 41.31 -19.71 -36.53
C CYS A 426 41.83 -21.00 -35.90
N ALA A 427 41.83 -22.10 -36.66
CA ALA A 427 42.45 -23.32 -36.17
C ALA A 427 43.94 -23.11 -35.91
N GLY A 428 44.57 -22.25 -36.70
CA GLY A 428 45.95 -21.88 -36.46
C GLY A 428 46.13 -21.12 -35.17
N MET A 429 45.22 -20.17 -34.88
CA MET A 429 45.16 -19.59 -33.54
C MET A 429 45.15 -20.67 -32.46
N MET A 430 44.24 -21.64 -32.62
CA MET A 430 44.10 -22.67 -31.59
C MET A 430 45.38 -23.47 -31.40
N ILE A 431 45.94 -24.01 -32.49
CA ILE A 431 47.17 -24.78 -32.39
C ILE A 431 48.30 -23.93 -31.84
N TRP A 432 48.48 -22.73 -32.39
CA TRP A 432 49.61 -21.89 -32.00
C TRP A 432 49.57 -21.55 -30.52
N ASN A 433 48.39 -21.23 -29.98
CA ASN A 433 48.32 -21.02 -28.53
C ASN A 433 48.61 -22.32 -27.80
N PHE A 434 48.27 -23.46 -28.40
CA PHE A 434 48.66 -24.74 -27.81
C PHE A 434 50.14 -25.04 -28.02
N VAL A 435 50.75 -24.56 -29.11
CA VAL A 435 52.13 -24.94 -29.41
C VAL A 435 53.02 -23.70 -29.39
N LYS A 436 52.71 -22.74 -28.51
CA LYS A 436 53.54 -21.55 -28.42
C LYS A 436 54.98 -21.91 -28.03
N GLU A 437 55.15 -22.78 -27.05
CA GLU A 437 56.47 -23.19 -26.58
C GLU A 437 56.54 -24.70 -26.37
N LYS A 438 55.96 -25.45 -27.30
CA LYS A 438 55.93 -26.91 -27.21
C LYS A 438 56.99 -27.56 -28.10
N ASN A 439 56.97 -27.26 -29.41
CA ASN A 439 57.91 -27.84 -30.34
C ASN A 439 58.41 -26.75 -31.28
N PHE A 440 59.60 -26.97 -31.85
CA PHE A 440 60.18 -25.98 -32.75
C PHE A 440 59.61 -26.10 -34.17
N VAL A 441 59.87 -27.23 -34.82
CA VAL A 441 59.46 -27.40 -36.22
C VAL A 441 57.95 -27.26 -36.33
N GLY A 442 57.22 -27.80 -35.35
CA GLY A 442 55.79 -27.56 -35.30
C GLY A 442 55.46 -26.08 -35.23
N GLN A 443 56.23 -25.32 -34.45
CA GLN A 443 55.99 -23.88 -34.34
C GLN A 443 56.17 -23.18 -35.68
N ILE A 444 57.27 -23.48 -36.39
CA ILE A 444 57.48 -22.84 -37.69
C ILE A 444 56.40 -23.25 -38.68
N LEU A 445 56.05 -24.54 -38.75
CA LEU A 445 55.06 -24.95 -39.75
C LEU A 445 53.69 -24.34 -39.45
N VAL A 446 53.30 -24.31 -38.16
CA VAL A 446 52.03 -23.71 -37.78
C VAL A 446 52.03 -22.23 -38.11
N PHE A 447 53.13 -21.53 -37.82
CA PHE A 447 53.24 -20.12 -38.16
C PHE A 447 53.09 -19.90 -39.66
N VAL A 448 53.75 -20.73 -40.45
CA VAL A 448 53.70 -20.57 -41.91
C VAL A 448 52.28 -20.75 -42.42
N LEU A 449 51.63 -21.85 -42.03
CA LEU A 449 50.27 -22.10 -42.49
C LEU A 449 49.32 -21.01 -41.99
N LEU A 450 49.51 -20.57 -40.74
CA LEU A 450 48.65 -19.58 -40.13
C LEU A 450 48.70 -18.26 -40.89
N TYR A 451 49.91 -17.73 -41.10
CA TYR A 451 50.00 -16.46 -41.80
C TYR A 451 49.69 -16.61 -43.28
N SER A 452 49.89 -17.79 -43.85
CA SER A 452 49.42 -18.04 -45.20
C SER A 452 47.91 -17.86 -45.29
N SER A 453 47.16 -18.49 -44.38
CA SER A 453 45.71 -18.35 -44.39
C SER A 453 45.29 -16.91 -44.11
N LEU A 454 45.96 -16.25 -43.18
CA LEU A 454 45.61 -14.87 -42.84
C LEU A 454 45.80 -13.95 -44.04
N TYR A 455 46.96 -14.05 -44.69
CA TYR A 455 47.22 -13.23 -45.87
C TYR A 455 46.27 -13.61 -47.00
N SER A 456 45.88 -14.88 -47.08
CA SER A 456 44.91 -15.28 -48.08
C SER A 456 43.59 -14.57 -47.86
N THR A 457 43.17 -14.44 -46.60
CA THR A 457 41.97 -13.66 -46.31
C THR A 457 42.13 -12.21 -46.72
N TYR A 458 43.28 -11.60 -46.38
CA TYR A 458 43.52 -10.22 -46.78
C TYR A 458 43.36 -10.06 -48.29
N LEU A 459 44.04 -10.89 -49.06
CA LEU A 459 43.98 -10.78 -50.51
C LEU A 459 42.58 -11.08 -51.02
N TRP A 460 41.92 -12.10 -50.47
CA TRP A 460 40.64 -12.53 -50.99
C TRP A 460 39.58 -11.47 -50.78
N THR A 461 39.76 -10.59 -49.80
CA THR A 461 38.91 -9.41 -49.72
C THR A 461 38.96 -8.62 -51.02
N GLY A 462 40.18 -8.28 -51.47
CA GLY A 462 40.32 -7.55 -52.72
C GLY A 462 39.91 -8.37 -53.93
N LEU A 463 40.09 -9.70 -53.87
CA LEU A 463 39.64 -10.55 -54.97
C LEU A 463 38.13 -10.52 -55.13
N LEU A 464 37.40 -10.58 -54.02
CA LEU A 464 35.94 -10.42 -54.10
C LEU A 464 35.57 -9.01 -54.55
N ALA A 465 36.37 -8.01 -54.16
CA ALA A 465 36.14 -6.67 -54.67
C ALA A 465 36.24 -6.64 -56.20
N ILE A 466 37.30 -7.24 -56.75
CA ILE A 466 37.48 -7.27 -58.20
C ILE A 466 36.37 -8.06 -58.87
N SER A 467 35.98 -9.20 -58.28
CA SER A 467 34.93 -10.02 -58.87
C SER A 467 33.61 -9.28 -58.91
N LEU A 468 33.25 -8.59 -57.81
CA LEU A 468 32.00 -7.82 -57.82
C LEU A 468 32.07 -6.67 -58.81
N PHE A 469 33.24 -6.02 -58.92
CA PHE A 469 33.37 -4.93 -59.88
C PHE A 469 33.21 -5.42 -61.31
N LEU A 470 33.76 -6.60 -61.62
CA LEU A 470 33.67 -7.10 -62.99
C LEU A 470 32.29 -7.66 -63.30
N LEU A 471 31.59 -8.21 -62.31
CA LEU A 471 30.18 -8.53 -62.54
C LEU A 471 29.33 -7.28 -62.71
N LYS A 472 29.71 -6.18 -62.04
CA LYS A 472 29.00 -4.92 -62.24
C LYS A 472 29.12 -4.43 -63.67
N LYS A 473 30.20 -4.78 -64.36
CA LYS A 473 30.40 -4.35 -65.74
C LYS A 473 29.37 -4.96 -66.69
N ARG A 474 28.69 -6.04 -66.27
CA ARG A 474 27.69 -6.72 -67.09
C ARG A 474 28.27 -7.17 -68.43
N GLU A 475 29.52 -7.62 -68.40
CA GLU A 475 30.23 -8.04 -69.59
C GLU A 475 30.15 -9.55 -69.73
N ARG A 476 29.78 -10.02 -70.93
CA ARG A 476 29.67 -11.45 -71.21
C ARG A 476 31.05 -12.04 -71.56
N VAL A 477 31.97 -11.91 -70.61
CA VAL A 477 33.33 -12.40 -70.76
C VAL A 477 33.55 -13.50 -69.73
N GLN A 478 34.21 -14.58 -70.14
CA GLN A 478 34.45 -15.70 -69.26
C GLN A 478 35.31 -15.28 -68.07
N ILE A 479 34.97 -15.79 -66.90
CA ILE A 479 35.69 -15.49 -65.66
C ILE A 479 36.76 -16.54 -65.46
N PRO A 480 38.04 -16.18 -65.41
CA PRO A 480 39.10 -17.18 -65.17
C PRO A 480 39.06 -17.69 -63.73
N VAL A 481 38.08 -18.54 -63.42
CA VAL A 481 37.88 -18.97 -62.04
C VAL A 481 39.10 -19.75 -61.55
N GLY A 482 39.64 -20.64 -62.37
CA GLY A 482 40.81 -21.40 -61.96
C GLY A 482 42.01 -20.49 -61.70
N ILE A 483 42.25 -19.55 -62.60
CA ILE A 483 43.38 -18.64 -62.45
C ILE A 483 43.23 -17.79 -61.20
N ILE A 484 42.02 -17.26 -60.96
CA ILE A 484 41.86 -16.38 -59.80
C ILE A 484 41.99 -17.17 -58.51
N ILE A 485 41.46 -18.39 -58.45
CA ILE A 485 41.57 -19.15 -57.21
C ILE A 485 43.01 -19.58 -56.96
N ILE A 486 43.73 -20.02 -58.01
CA ILE A 486 45.11 -20.43 -57.78
C ILE A 486 45.96 -19.24 -57.41
N SER A 487 45.68 -18.06 -57.97
CA SER A 487 46.38 -16.86 -57.54
C SER A 487 46.10 -16.56 -56.07
N GLY A 488 44.82 -16.55 -55.71
CA GLY A 488 44.43 -16.22 -54.35
C GLY A 488 45.01 -17.16 -53.32
N TRP A 489 45.27 -18.41 -53.70
CA TRP A 489 45.95 -19.33 -52.80
C TRP A 489 47.46 -19.38 -52.98
N GLY A 490 48.00 -18.77 -54.04
CA GLY A 490 49.42 -18.89 -54.30
C GLY A 490 50.26 -17.69 -53.94
N ILE A 491 49.82 -16.48 -54.29
CA ILE A 491 50.57 -15.29 -53.88
C ILE A 491 50.74 -15.20 -52.37
N PRO A 492 49.71 -15.44 -51.53
CA PRO A 492 49.97 -15.43 -50.09
C PRO A 492 51.03 -16.44 -49.67
N ALA A 493 50.98 -17.65 -50.23
CA ALA A 493 51.98 -18.66 -49.90
C ALA A 493 53.37 -18.22 -50.35
N LEU A 494 53.45 -17.60 -51.53
CA LEU A 494 54.74 -17.13 -52.03
C LEU A 494 55.32 -16.05 -51.13
N LEU A 495 54.47 -15.11 -50.69
CA LEU A 495 54.94 -14.07 -49.78
C LEU A 495 55.39 -14.66 -48.45
N VAL A 496 54.66 -15.66 -47.93
CA VAL A 496 55.08 -16.29 -46.69
C VAL A 496 56.43 -16.98 -46.87
N GLY A 497 56.61 -17.67 -48.00
CA GLY A 497 57.87 -18.37 -48.24
C GLY A 497 59.04 -17.41 -48.38
N VAL A 498 58.86 -16.33 -49.15
CA VAL A 498 59.96 -15.39 -49.31
C VAL A 498 60.23 -14.64 -48.01
N LEU A 499 59.20 -14.42 -47.19
CA LEU A 499 59.40 -13.83 -45.88
C LEU A 499 60.23 -14.75 -44.99
N LEU A 500 59.93 -16.05 -45.01
CA LEU A 500 60.73 -17.00 -44.24
C LEU A 500 62.17 -17.01 -44.72
N ILE A 501 62.38 -17.00 -46.05
CA ILE A 501 63.73 -17.06 -46.59
C ILE A 501 64.52 -15.81 -46.21
N THR A 502 63.91 -14.63 -46.36
CA THR A 502 64.62 -13.38 -46.10
C THR A 502 64.60 -13.01 -44.63
N GLY A 503 63.63 -13.51 -43.87
CA GLY A 503 63.50 -13.13 -42.48
C GLY A 503 64.47 -13.84 -41.55
N LYS A 504 64.53 -13.35 -40.32
CA LYS A 504 65.37 -13.92 -39.28
C LYS A 504 64.49 -14.38 -38.11
N HIS A 505 64.71 -15.61 -37.67
CA HIS A 505 63.87 -16.18 -36.62
C HIS A 505 64.13 -15.51 -35.29
N ASN A 506 63.05 -15.15 -34.58
CA ASN A 506 63.12 -14.53 -33.26
C ASN A 506 62.02 -15.17 -32.41
N GLY A 507 62.35 -16.27 -31.73
CA GLY A 507 61.39 -17.04 -30.98
C GLY A 507 61.08 -16.52 -29.59
N ASP A 508 61.68 -15.41 -29.17
CA ASP A 508 61.45 -14.86 -27.84
C ASP A 508 60.19 -14.00 -27.74
N SER A 509 59.58 -13.66 -28.87
CA SER A 509 58.39 -12.82 -28.88
C SER A 509 57.15 -13.69 -28.76
N ILE A 510 56.35 -13.45 -27.73
CA ILE A 510 55.14 -14.23 -27.52
C ILE A 510 54.14 -13.96 -28.64
N ASP A 511 54.02 -12.71 -29.06
CA ASP A 511 53.10 -12.37 -30.13
C ASP A 511 53.58 -12.95 -31.46
N SER A 512 52.62 -13.38 -32.28
CA SER A 512 52.94 -13.93 -33.59
C SER A 512 53.37 -12.85 -34.58
N ALA A 513 52.94 -11.59 -34.36
CA ALA A 513 53.30 -10.51 -35.27
C ALA A 513 54.80 -10.27 -35.26
N PHE A 514 55.45 -10.39 -34.10
CA PHE A 514 56.87 -10.11 -33.94
C PHE A 514 57.71 -11.38 -34.00
N PHE A 515 57.30 -12.39 -34.76
CA PHE A 515 58.02 -13.65 -34.81
C PHE A 515 59.41 -13.49 -35.40
N TYR A 516 59.54 -12.67 -36.45
CA TYR A 516 60.82 -12.45 -37.09
C TYR A 516 61.34 -11.02 -36.90
N GLY A 517 60.45 -10.03 -36.87
CA GLY A 517 60.83 -8.65 -36.64
C GLY A 517 60.17 -7.71 -37.64
N LYS A 518 60.96 -6.78 -38.17
CA LYS A 518 60.42 -5.72 -39.03
C LYS A 518 59.86 -6.28 -40.33
N GLU A 519 60.57 -7.25 -40.92
CA GLU A 519 60.25 -7.69 -42.27
C GLU A 519 58.84 -8.25 -42.38
N GLN A 520 58.38 -9.01 -41.38
CA GLN A 520 57.05 -9.57 -41.47
C GLN A 520 55.98 -8.49 -41.56
N MET A 521 56.04 -7.48 -40.69
CA MET A 521 54.91 -6.55 -40.70
C MET A 521 55.11 -5.49 -41.78
N ILE A 522 56.32 -5.35 -42.31
CA ILE A 522 56.46 -4.63 -43.57
C ILE A 522 55.72 -5.36 -44.68
N THR A 523 55.87 -6.70 -44.75
CA THR A 523 55.11 -7.46 -45.73
C THR A 523 53.60 -7.35 -45.49
N THR A 524 53.18 -7.39 -44.23
CA THR A 524 51.75 -7.26 -43.95
C THR A 524 51.25 -5.90 -44.36
N ALA A 525 52.02 -4.85 -44.10
CA ALA A 525 51.62 -3.50 -44.45
C ALA A 525 51.49 -3.34 -45.97
N VAL A 526 52.45 -3.88 -46.73
CA VAL A 526 52.32 -3.78 -48.18
C VAL A 526 51.16 -4.63 -48.68
N THR A 527 50.91 -5.79 -48.04
CA THR A 527 49.75 -6.60 -48.38
C THR A 527 48.45 -5.83 -48.15
N LEU A 528 48.33 -5.20 -46.99
CA LEU A 528 47.17 -4.39 -46.66
C LEU A 528 47.01 -3.26 -47.66
N PHE A 529 48.10 -2.55 -47.95
CA PHE A 529 48.05 -1.42 -48.86
C PHE A 529 47.56 -1.85 -50.24
N CYS A 530 48.12 -2.95 -50.75
CA CYS A 530 47.71 -3.45 -52.06
C CYS A 530 46.25 -3.89 -52.07
N SER A 531 45.85 -4.72 -51.11
CA SER A 531 44.48 -5.23 -51.11
C SER A 531 43.47 -4.12 -50.93
N ILE A 532 43.81 -3.10 -50.14
CA ILE A 532 42.89 -2.00 -49.88
C ILE A 532 42.79 -1.08 -51.09
N LEU A 533 43.90 -0.86 -51.81
CA LEU A 533 43.78 -0.16 -53.08
C LEU A 533 42.92 -0.95 -54.06
N ILE A 534 43.05 -2.27 -54.06
CA ILE A 534 42.21 -3.10 -54.92
C ILE A 534 40.74 -2.90 -54.56
N ALA A 535 40.43 -2.91 -53.27
CA ALA A 535 39.05 -2.70 -52.83
C ALA A 535 38.56 -1.31 -53.24
N GLY A 536 39.40 -0.29 -53.07
CA GLY A 536 38.98 1.07 -53.40
C GLY A 536 38.74 1.26 -54.89
N ILE A 537 39.64 0.75 -55.73
CA ILE A 537 39.44 0.89 -57.17
C ILE A 537 38.26 0.06 -57.63
N SER A 538 38.05 -1.12 -57.03
CA SER A 538 36.85 -1.90 -57.32
C SER A 538 35.60 -1.18 -56.85
N LEU A 539 35.64 -0.60 -55.65
CA LEU A 539 34.48 0.07 -55.08
C LEU A 539 34.74 1.56 -54.90
N GLN A 653 21.12 -14.32 -57.49
CA GLN A 653 22.36 -13.60 -57.24
C GLN A 653 22.19 -12.58 -56.12
N GLN A 654 22.79 -12.89 -54.97
CA GLN A 654 22.71 -12.02 -53.79
C GLN A 654 23.94 -11.11 -53.75
N LEU A 655 23.97 -10.18 -54.71
CA LEU A 655 25.08 -9.23 -54.79
C LEU A 655 25.08 -8.26 -53.61
N THR A 656 23.91 -7.97 -53.05
CA THR A 656 23.85 -7.07 -51.90
C THR A 656 24.59 -7.64 -50.71
N ARG A 657 24.45 -8.93 -50.46
CA ARG A 657 25.19 -9.59 -49.39
C ARG A 657 26.69 -9.45 -49.61
N HIS A 658 27.14 -9.70 -50.83
CA HIS A 658 28.57 -9.63 -51.14
C HIS A 658 29.10 -8.21 -50.97
N VAL A 659 28.35 -7.20 -51.42
CA VAL A 659 28.83 -5.83 -51.29
C VAL A 659 28.80 -5.38 -49.84
N LEU A 660 27.84 -5.85 -49.04
CA LEU A 660 27.89 -5.57 -47.61
C LEU A 660 29.16 -6.13 -46.99
N LEU A 661 29.53 -7.36 -47.37
CA LEU A 661 30.78 -7.92 -46.88
C LEU A 661 31.98 -7.10 -47.32
N CYS A 662 32.01 -6.71 -48.61
CA CYS A 662 33.03 -5.88 -49.26
C CYS A 662 32.99 -4.47 -48.85
N LEU A 663 32.08 -4.12 -47.94
CA LEU A 663 32.18 -2.86 -47.22
C LEU A 663 32.66 -3.04 -45.80
N LEU A 664 32.11 -4.01 -45.07
CA LEU A 664 32.46 -4.16 -43.66
C LEU A 664 33.90 -4.58 -43.46
N LEU A 665 34.44 -5.43 -44.34
CA LEU A 665 35.80 -5.94 -44.11
C LEU A 665 36.86 -4.85 -44.11
N ILE A 666 36.68 -3.84 -44.97
CA ILE A 666 37.76 -2.90 -45.18
C ILE A 666 37.94 -1.95 -44.00
N ILE A 667 36.93 -1.79 -43.13
CA ILE A 667 37.14 -0.99 -41.92
C ILE A 667 38.21 -1.64 -41.04
N GLY A 668 38.07 -2.94 -40.77
CA GLY A 668 39.12 -3.64 -40.07
C GLY A 668 40.43 -3.61 -40.83
N LEU A 669 40.35 -3.59 -42.16
CA LEU A 669 41.57 -3.44 -42.95
C LEU A 669 42.27 -2.12 -42.66
N PHE A 670 41.51 -1.01 -42.57
CA PHE A 670 42.12 0.25 -42.17
C PHE A 670 42.69 0.15 -40.76
N ALA A 671 41.99 -0.54 -39.87
CA ALA A 671 42.52 -0.71 -38.52
C ALA A 671 43.90 -1.35 -38.55
N ASN A 672 44.04 -2.40 -39.35
CA ASN A 672 45.32 -3.09 -39.45
C ASN A 672 46.40 -2.19 -40.07
N LEU A 673 46.06 -1.46 -41.14
CA LEU A 673 47.06 -0.60 -41.75
C LEU A 673 47.51 0.47 -40.78
N SER A 674 46.56 1.04 -40.03
CA SER A 674 46.90 2.07 -39.06
C SER A 674 47.82 1.51 -37.98
N SER A 675 47.54 0.30 -37.50
CA SER A 675 48.40 -0.30 -36.50
C SER A 675 49.83 -0.48 -37.01
N CYS A 676 49.98 -1.04 -38.21
CA CYS A 676 51.33 -1.33 -38.70
C CYS A 676 52.09 -0.04 -39.02
N LEU A 677 51.41 0.93 -39.66
CA LEU A 677 52.09 2.19 -39.95
C LEU A 677 52.45 2.94 -38.68
N TRP A 678 51.60 2.83 -37.65
CA TRP A 678 51.93 3.45 -36.37
C TRP A 678 53.17 2.80 -35.76
N TRP A 679 53.28 1.48 -35.85
CA TRP A 679 54.42 0.85 -35.19
C TRP A 679 55.70 1.26 -35.90
N LEU A 680 55.67 1.27 -37.24
CA LEU A 680 56.89 1.55 -38.01
C LEU A 680 57.28 3.02 -37.94
N PHE A 681 56.31 3.93 -38.03
CA PHE A 681 56.63 5.35 -37.94
C PHE A 681 57.01 5.74 -36.51
N ASN A 682 56.26 5.24 -35.53
CA ASN A 682 56.49 5.57 -34.13
C ASN A 682 57.22 4.40 -33.47
N GLN A 683 58.56 4.44 -33.53
CA GLN A 683 59.36 3.41 -32.86
C GLN A 683 59.16 3.44 -31.35
N GLU A 684 59.14 4.63 -30.78
CA GLU A 684 58.89 4.75 -29.34
C GLU A 684 57.44 4.41 -29.04
N PRO A 685 57.18 3.71 -27.93
CA PRO A 685 55.81 3.25 -27.63
C PRO A 685 54.99 4.36 -26.96
N GLY A 686 53.82 4.63 -27.54
CA GLY A 686 52.88 5.57 -26.95
C GLY A 686 51.96 4.91 -25.95
N ARG A 687 51.00 5.69 -25.46
CA ARG A 687 49.99 5.17 -24.54
C ARG A 687 48.66 4.91 -25.24
N LEU A 688 48.75 4.54 -26.52
CA LEU A 688 47.56 4.31 -27.33
C LEU A 688 47.55 2.98 -28.09
N TYR A 689 48.70 2.32 -28.25
CA TYR A 689 48.75 1.14 -29.11
C TYR A 689 48.10 -0.08 -28.49
N VAL A 690 47.74 -0.04 -27.21
CA VAL A 690 47.14 -1.20 -26.56
C VAL A 690 45.78 -1.51 -27.18
N GLU A 691 44.93 -0.49 -27.35
CA GLU A 691 43.62 -0.75 -27.93
C GLU A 691 43.72 -0.95 -29.44
N LEU A 692 44.72 -0.36 -30.08
CA LEU A 692 45.02 -0.70 -31.47
C LEU A 692 45.28 -2.19 -31.62
N GLN A 693 46.19 -2.72 -30.81
CA GLN A 693 46.52 -4.14 -30.88
C GLN A 693 45.32 -5.00 -30.55
N PHE A 694 44.56 -4.63 -29.52
CA PHE A 694 43.40 -5.43 -29.15
C PHE A 694 42.36 -5.46 -30.25
N PHE A 695 42.05 -4.30 -30.84
CA PHE A 695 41.04 -4.26 -31.89
C PHE A 695 41.52 -4.98 -33.14
N CYS A 696 42.81 -4.86 -33.46
CA CYS A 696 43.34 -5.58 -34.61
C CYS A 696 43.26 -7.09 -34.40
N ALA A 697 43.62 -7.55 -33.20
CA ALA A 697 43.49 -8.98 -32.91
C ALA A 697 42.04 -9.43 -32.97
N VAL A 698 41.13 -8.62 -32.41
CA VAL A 698 39.72 -8.98 -32.41
C VAL A 698 39.20 -9.10 -33.84
N PHE A 699 39.51 -8.13 -34.68
CA PHE A 699 39.08 -8.20 -36.07
C PHE A 699 39.69 -9.40 -36.77
N ASN A 700 41.02 -9.53 -36.70
CA ASN A 700 41.71 -10.61 -37.41
C ASN A 700 41.18 -11.97 -37.01
N PHE A 701 40.81 -12.12 -35.74
CA PHE A 701 40.57 -13.43 -35.17
C PHE A 701 39.09 -13.70 -34.90
N GLY A 702 38.22 -12.75 -35.21
CA GLY A 702 36.80 -12.97 -35.12
C GLY A 702 36.06 -12.32 -36.28
N GLN A 703 36.78 -12.04 -37.36
CA GLN A 703 36.12 -11.53 -38.56
C GLN A 703 35.10 -12.51 -39.10
N GLY A 704 35.29 -13.80 -38.88
CA GLY A 704 34.30 -14.78 -39.31
C GLY A 704 32.93 -14.54 -38.73
N PHE A 705 32.85 -13.81 -37.62
CA PHE A 705 31.55 -13.42 -37.09
C PHE A 705 30.79 -12.56 -38.09
N ILE A 706 31.51 -11.75 -38.87
CA ILE A 706 30.87 -10.91 -39.87
C ILE A 706 30.20 -11.77 -40.93
N SER A 707 30.94 -12.73 -41.48
CA SER A 707 30.38 -13.63 -42.48
C SER A 707 29.27 -14.49 -41.88
N PHE A 708 29.41 -14.84 -40.60
CA PHE A 708 28.35 -15.53 -39.88
C PHE A 708 27.07 -14.71 -39.88
N GLY A 709 27.17 -13.43 -39.57
CA GLY A 709 26.00 -12.58 -39.55
C GLY A 709 25.40 -12.37 -40.94
N ILE A 710 26.25 -12.18 -41.93
CA ILE A 710 25.75 -11.80 -43.26
C ILE A 710 25.49 -13.03 -44.12
N PHE A 711 26.47 -13.91 -44.27
CA PHE A 711 26.30 -15.16 -45.00
C PHE A 711 26.00 -16.32 -44.05
N GLY A 712 24.94 -16.15 -43.26
CA GLY A 712 24.56 -17.19 -42.32
C GLY A 712 23.07 -17.49 -42.25
N LEU A 713 22.26 -16.67 -42.90
CA LEU A 713 20.81 -16.86 -42.89
C LEU A 713 20.27 -16.95 -44.31
N PRO B 35 -12.31 16.47 44.00
CA PRO B 35 -10.92 16.28 43.63
C PRO B 35 -10.80 15.96 42.14
N SER B 36 -10.33 14.76 41.82
CA SER B 36 -10.18 14.34 40.45
C SER B 36 -11.54 14.05 39.82
N MET B 37 -11.53 13.91 38.49
CA MET B 37 -12.72 13.59 37.70
C MET B 37 -13.82 14.64 37.91
N SER B 38 -13.51 15.85 37.46
CA SER B 38 -14.45 16.96 37.53
C SER B 38 -15.62 16.68 36.61
N ILE B 39 -16.75 16.30 37.20
CA ILE B 39 -17.92 15.90 36.42
C ILE B 39 -18.87 17.08 36.16
N THR B 40 -18.72 18.19 36.88
CA THR B 40 -19.63 19.31 36.74
C THR B 40 -19.68 19.84 35.31
N ARG B 41 -18.55 19.78 34.58
CA ARG B 41 -18.50 20.30 33.23
C ARG B 41 -19.07 19.34 32.20
N LEU B 42 -19.43 18.11 32.60
CA LEU B 42 -19.96 17.14 31.64
C LEU B 42 -21.29 17.58 31.06
N PHE B 43 -22.21 18.01 31.92
CA PHE B 43 -23.54 18.41 31.46
C PHE B 43 -23.51 19.51 30.43
N PRO B 44 -22.84 20.66 30.66
CA PRO B 44 -22.84 21.71 29.62
C PRO B 44 -22.32 21.22 28.29
N ALA B 45 -21.30 20.36 28.29
CA ALA B 45 -20.73 19.85 27.06
C ALA B 45 -21.77 19.09 26.25
N LEU B 46 -22.50 18.18 26.90
CA LEU B 46 -23.59 17.50 26.23
C LEU B 46 -24.60 18.50 25.71
N LEU B 47 -24.83 19.58 26.46
CA LEU B 47 -25.76 20.60 25.98
C LEU B 47 -25.34 21.17 24.63
N GLU B 48 -24.09 21.62 24.46
CA GLU B 48 -23.78 22.20 23.14
C GLU B 48 -23.71 21.10 22.09
N CYS B 49 -23.22 19.92 22.48
CA CYS B 49 -23.04 18.85 21.51
C CYS B 49 -24.37 18.44 20.89
N PHE B 50 -25.42 18.32 21.68
CA PHE B 50 -26.72 17.97 21.12
C PHE B 50 -27.52 19.20 20.68
N GLY B 51 -27.18 20.39 21.17
CA GLY B 51 -27.81 21.59 20.63
C GLY B 51 -27.41 21.82 19.19
N ILE B 52 -26.15 21.57 18.86
CA ILE B 52 -25.72 21.68 17.47
C ILE B 52 -26.47 20.69 16.59
N VAL B 53 -26.64 19.46 17.07
CA VAL B 53 -27.36 18.45 16.31
C VAL B 53 -28.80 18.88 16.08
N LEU B 54 -29.48 19.34 17.14
CA LEU B 54 -30.87 19.73 16.98
C LEU B 54 -31.01 20.96 16.11
N CYS B 55 -30.05 21.90 16.20
CA CYS B 55 -30.08 23.06 15.31
C CYS B 55 -29.92 22.66 13.86
N GLY B 56 -29.00 21.73 13.59
CA GLY B 56 -28.85 21.24 12.22
C GLY B 56 -30.10 20.56 11.72
N TYR B 57 -30.72 19.73 12.57
CA TYR B 57 -31.93 19.02 12.16
C TYR B 57 -33.08 20.01 11.91
N ILE B 58 -33.18 21.04 12.77
CA ILE B 58 -34.21 22.06 12.62
C ILE B 58 -34.02 22.85 11.33
N ALA B 59 -32.78 23.22 11.01
CA ALA B 59 -32.51 23.84 9.72
C ALA B 59 -32.82 22.89 8.58
N GLY B 60 -32.69 21.58 8.84
CA GLY B 60 -32.95 20.60 7.80
C GLY B 60 -34.41 20.46 7.44
N ARG B 61 -35.29 20.22 8.41
CA ARG B 61 -36.66 19.85 8.07
C ARG B 61 -37.47 21.08 7.65
N ALA B 62 -36.91 22.27 7.80
CA ALA B 62 -37.58 23.50 7.42
C ALA B 62 -37.41 23.85 5.95
N ASN B 63 -36.76 22.98 5.16
CA ASN B 63 -36.46 23.24 3.75
C ASN B 63 -35.69 24.55 3.58
N VAL B 64 -34.89 24.91 4.58
CA VAL B 64 -34.08 26.12 4.54
C VAL B 64 -32.73 25.79 3.92
N ILE B 65 -32.12 24.72 4.39
CA ILE B 65 -30.85 24.24 3.88
C ILE B 65 -31.11 23.16 2.84
N THR B 66 -30.56 23.35 1.64
CA THR B 66 -30.74 22.41 0.54
C THR B 66 -29.53 21.50 0.42
N SER B 67 -29.54 20.69 -0.64
CA SER B 67 -28.51 19.66 -0.79
C SER B 67 -27.16 20.26 -1.16
N THR B 68 -27.15 21.41 -1.83
CA THR B 68 -25.91 21.97 -2.35
C THR B 68 -24.92 22.30 -1.24
N GLN B 69 -25.29 23.24 -0.36
CA GLN B 69 -24.37 23.63 0.71
C GLN B 69 -24.18 22.51 1.72
N ALA B 70 -25.16 21.63 1.87
CA ALA B 70 -24.97 20.46 2.73
C ALA B 70 -23.86 19.57 2.21
N LYS B 71 -23.87 19.28 0.90
CA LYS B 71 -22.80 18.48 0.31
C LYS B 71 -21.47 19.22 0.37
N GLY B 72 -21.49 20.54 0.18
CA GLY B 72 -20.26 21.30 0.30
C GLY B 72 -19.66 21.22 1.69
N LEU B 73 -20.49 21.37 2.73
CA LEU B 73 -20.01 21.26 4.10
C LEU B 73 -19.52 19.85 4.39
N GLY B 74 -20.23 18.83 3.89
CA GLY B 74 -19.77 17.46 4.09
C GLY B 74 -18.42 17.19 3.44
N ASN B 75 -18.23 17.70 2.22
CA ASN B 75 -16.93 17.55 1.57
C ASN B 75 -15.85 18.30 2.32
N PHE B 76 -16.17 19.49 2.82
CA PHE B 76 -15.20 20.25 3.63
C PHE B 76 -14.80 19.46 4.87
N VAL B 77 -15.77 18.84 5.54
CA VAL B 77 -15.47 18.07 6.75
C VAL B 77 -14.62 16.85 6.40
N SER B 78 -15.00 16.11 5.36
CA SER B 78 -14.35 14.84 5.07
C SER B 78 -12.95 15.04 4.51
N ARG B 79 -12.76 16.04 3.65
CA ARG B 79 -11.53 16.19 2.91
C ARG B 79 -10.57 17.23 3.48
N PHE B 80 -11.08 18.22 4.20
CA PHE B 80 -10.26 19.34 4.63
C PHE B 80 -10.11 19.44 6.14
N ALA B 81 -11.23 19.50 6.88
CA ALA B 81 -11.15 19.79 8.30
C ALA B 81 -10.57 18.61 9.08
N LEU B 82 -11.13 17.42 8.90
CA LEU B 82 -10.66 16.25 9.63
C LEU B 82 -9.20 15.90 9.31
N PRO B 83 -8.75 15.87 8.05
CA PRO B 83 -7.33 15.60 7.82
C PRO B 83 -6.42 16.61 8.50
N ALA B 84 -6.78 17.89 8.46
CA ALA B 84 -5.96 18.91 9.11
C ALA B 84 -5.92 18.71 10.61
N LEU B 85 -7.07 18.41 11.22
CA LEU B 85 -7.12 18.20 12.66
C LEU B 85 -6.27 17.00 13.07
N LEU B 86 -6.40 15.89 12.36
CA LEU B 86 -5.63 14.72 12.73
C LEU B 86 -4.14 14.97 12.51
N PHE B 87 -3.79 15.71 11.46
CA PHE B 87 -2.38 16.00 11.20
C PHE B 87 -1.79 16.88 12.29
N LYS B 88 -2.54 17.89 12.72
CA LYS B 88 -2.03 18.77 13.78
C LYS B 88 -1.93 18.03 15.11
N ASN B 89 -2.84 17.10 15.37
CA ASN B 89 -2.74 16.35 16.62
C ASN B 89 -1.74 15.20 16.54
N MET B 90 -1.32 14.79 15.34
CA MET B 90 -0.40 13.68 15.21
C MET B 90 1.05 14.12 15.02
N VAL B 91 1.26 15.34 14.51
CA VAL B 91 2.63 15.84 14.38
C VAL B 91 3.27 15.96 15.77
N VAL B 92 2.47 16.31 16.77
CA VAL B 92 2.91 16.37 18.16
C VAL B 92 2.22 15.24 18.91
N LEU B 93 2.98 14.20 19.24
CA LEU B 93 2.38 13.06 19.94
C LEU B 93 3.19 12.63 21.16
N ASN B 94 4.51 12.77 21.13
CA ASN B 94 5.39 12.33 22.21
C ASN B 94 5.23 10.82 22.47
N PHE B 95 5.62 10.04 21.46
CA PHE B 95 5.56 8.59 21.55
C PHE B 95 6.40 8.04 22.71
N SER B 96 7.39 8.80 23.18
CA SER B 96 8.31 8.28 24.20
C SER B 96 7.64 8.03 25.53
N ASN B 97 6.53 8.70 25.84
CA ASN B 97 5.88 8.56 27.14
C ASN B 97 4.39 8.24 26.98
N VAL B 98 4.05 7.30 26.10
CA VAL B 98 2.68 6.88 25.88
C VAL B 98 2.55 5.43 26.32
N ASP B 99 1.62 5.17 27.24
CA ASP B 99 1.37 3.82 27.71
C ASP B 99 0.52 3.06 26.69
N TRP B 100 0.97 1.87 26.32
CA TRP B 100 0.27 1.05 25.33
C TRP B 100 -0.67 0.03 25.96
N SER B 101 -0.80 0.03 27.29
CA SER B 101 -1.80 -0.82 27.93
C SER B 101 -3.20 -0.44 27.47
N PHE B 102 -3.45 0.88 27.35
CA PHE B 102 -4.70 1.34 26.74
C PHE B 102 -4.91 0.68 25.39
N LEU B 103 -3.90 0.76 24.51
CA LEU B 103 -4.05 0.34 23.13
C LEU B 103 -4.31 -1.16 23.04
N TYR B 104 -3.50 -1.96 23.74
CA TYR B 104 -3.70 -3.40 23.76
C TYR B 104 -5.09 -3.74 24.28
N SER B 105 -5.46 -3.13 25.41
CA SER B 105 -6.74 -3.44 26.02
C SER B 105 -7.89 -3.15 25.08
N ILE B 106 -7.89 -1.95 24.49
CA ILE B 106 -9.03 -1.53 23.68
C ILE B 106 -9.13 -2.35 22.40
N LEU B 107 -8.01 -2.60 21.71
CA LEU B 107 -8.11 -3.42 20.51
C LEU B 107 -8.48 -4.86 20.82
N ILE B 108 -7.97 -5.44 21.90
CA ILE B 108 -8.35 -6.81 22.20
C ILE B 108 -9.83 -6.89 22.53
N ALA B 109 -10.35 -5.93 23.30
CA ALA B 109 -11.79 -5.93 23.59
C ALA B 109 -12.61 -5.78 22.32
N LYS B 110 -12.22 -4.85 21.43
CA LYS B 110 -12.95 -4.65 20.19
C LYS B 110 -12.89 -5.90 19.31
N ALA B 111 -11.73 -6.55 19.25
CA ALA B 111 -11.60 -7.75 18.44
C ALA B 111 -12.43 -8.89 18.99
N SER B 112 -12.46 -9.03 20.32
CA SER B 112 -13.29 -10.07 20.93
C SER B 112 -14.76 -9.82 20.63
N VAL B 113 -15.21 -8.57 20.73
CA VAL B 113 -16.59 -8.23 20.41
C VAL B 113 -16.88 -8.54 18.95
N PHE B 114 -15.95 -8.16 18.07
CA PHE B 114 -16.12 -8.40 16.63
C PHE B 114 -16.25 -9.88 16.35
N PHE B 115 -15.39 -10.69 16.97
CA PHE B 115 -15.44 -12.14 16.77
C PHE B 115 -16.76 -12.72 17.27
N ILE B 116 -17.20 -12.31 18.45
CA ILE B 116 -18.46 -12.83 18.98
C ILE B 116 -19.61 -12.48 18.05
N VAL B 117 -19.65 -11.23 17.60
CA VAL B 117 -20.74 -10.80 16.74
C VAL B 117 -20.71 -11.55 15.41
N CYS B 118 -19.52 -11.72 14.82
CA CYS B 118 -19.44 -12.38 13.53
C CYS B 118 -19.83 -13.85 13.63
N VAL B 119 -19.39 -14.54 14.69
CA VAL B 119 -19.75 -15.95 14.82
C VAL B 119 -21.24 -16.09 15.09
N LEU B 120 -21.81 -15.20 15.92
CA LEU B 120 -23.26 -15.25 16.14
C LEU B 120 -24.02 -15.00 14.84
N THR B 121 -23.56 -14.03 14.05
CA THR B 121 -24.23 -13.74 12.78
C THR B 121 -24.16 -14.93 11.84
N LEU B 122 -22.99 -15.57 11.75
CA LEU B 122 -22.86 -16.69 10.81
C LEU B 122 -23.64 -17.90 11.30
N LEU B 123 -23.88 -18.01 12.60
CA LEU B 123 -24.66 -19.16 13.08
C LEU B 123 -26.16 -18.91 12.99
N VAL B 124 -26.60 -17.67 13.11
CA VAL B 124 -28.04 -17.40 13.16
C VAL B 124 -28.60 -16.99 11.81
N ALA B 125 -27.82 -16.27 11.00
CA ALA B 125 -28.35 -15.73 9.76
C ALA B 125 -28.59 -16.84 8.72
N SER B 126 -29.69 -16.72 8.00
CA SER B 126 -29.97 -17.65 6.92
C SER B 126 -28.94 -17.46 5.80
N PRO B 127 -28.52 -18.55 5.14
CA PRO B 127 -27.42 -18.46 4.16
C PRO B 127 -27.77 -17.74 2.87
N ASP B 128 -29.00 -17.21 2.73
CA ASP B 128 -29.35 -16.49 1.51
C ASP B 128 -28.49 -15.25 1.32
N SER B 129 -28.34 -14.46 2.38
CA SER B 129 -27.48 -13.29 2.38
C SER B 129 -26.71 -13.19 3.69
N ARG B 130 -26.28 -14.33 4.21
CA ARG B 130 -25.63 -14.36 5.52
C ARG B 130 -24.29 -13.65 5.49
N PHE B 131 -23.54 -13.77 4.39
CA PHE B 131 -22.22 -13.17 4.32
C PHE B 131 -22.30 -11.64 4.39
N SER B 132 -23.32 -11.05 3.75
CA SER B 132 -23.50 -9.60 3.85
C SER B 132 -23.72 -9.18 5.29
N LYS B 133 -24.57 -9.91 6.01
CA LYS B 133 -24.82 -9.59 7.42
C LYS B 133 -23.54 -9.73 8.24
N ALA B 134 -22.83 -10.84 8.07
CA ALA B 134 -21.58 -11.04 8.79
C ALA B 134 -20.54 -9.99 8.41
N GLY B 135 -20.74 -9.30 7.28
CA GLY B 135 -19.86 -8.21 6.92
C GLY B 135 -20.21 -6.86 7.50
N LEU B 136 -21.51 -6.52 7.58
CA LEU B 136 -21.81 -5.15 7.97
C LEU B 136 -22.28 -5.06 9.41
N PHE B 137 -22.84 -6.14 9.96
CA PHE B 137 -23.30 -6.12 11.34
C PHE B 137 -22.17 -5.93 12.35
N PRO B 138 -21.07 -6.69 12.30
CA PRO B 138 -20.06 -6.56 13.37
C PRO B 138 -19.24 -5.28 13.30
N ILE B 139 -19.09 -4.67 12.13
CA ILE B 139 -18.39 -3.39 12.06
C ILE B 139 -19.21 -2.31 12.74
N PHE B 140 -20.54 -2.47 12.76
CA PHE B 140 -21.39 -1.59 13.55
C PHE B 140 -21.07 -1.67 15.03
N ALA B 141 -20.48 -2.78 15.47
CA ALA B 141 -20.18 -3.00 16.87
C ALA B 141 -18.78 -2.58 17.28
N THR B 142 -17.99 -2.07 16.34
CA THR B 142 -16.60 -1.72 16.64
C THR B 142 -16.25 -0.29 16.28
N GLN B 143 -16.85 0.26 15.23
CA GLN B 143 -16.59 1.64 14.80
C GLN B 143 -17.53 2.58 15.55
N SER B 144 -16.96 3.64 16.12
CA SER B 144 -17.71 4.61 16.91
C SER B 144 -17.36 6.03 16.50
N ASN B 145 -18.26 6.95 16.81
CA ASN B 145 -18.08 8.36 16.49
C ASN B 145 -17.24 9.03 17.58
N ASP B 146 -15.95 8.69 17.55
CA ASP B 146 -15.01 9.13 18.57
C ASP B 146 -14.35 10.45 18.23
N PHE B 147 -14.64 11.02 17.06
CA PHE B 147 -13.96 12.23 16.62
C PHE B 147 -14.82 13.47 16.83
N ALA B 148 -16.00 13.50 16.21
CA ALA B 148 -16.89 14.65 16.31
C ALA B 148 -17.63 14.69 17.64
N LEU B 149 -17.99 13.53 18.17
CA LEU B 149 -18.81 13.44 19.38
C LEU B 149 -17.99 13.19 20.63
N GLY B 150 -17.21 12.11 20.66
CA GLY B 150 -16.54 11.73 21.89
C GLY B 150 -15.50 12.74 22.36
N TYR B 151 -14.80 13.38 21.42
CA TYR B 151 -13.73 14.29 21.78
C TYR B 151 -14.21 15.46 22.62
N PRO B 152 -15.32 16.13 22.30
CA PRO B 152 -15.79 17.19 23.21
C PRO B 152 -16.03 16.72 24.64
N ILE B 153 -16.64 15.55 24.84
CA ILE B 153 -16.85 15.07 26.20
C ILE B 153 -15.52 14.75 26.88
N VAL B 154 -14.62 14.07 26.17
CA VAL B 154 -13.38 13.67 26.84
C VAL B 154 -12.55 14.90 27.20
N GLU B 155 -12.58 15.95 26.37
CA GLU B 155 -11.85 17.16 26.72
C GLU B 155 -12.57 17.92 27.83
N ALA B 156 -13.91 17.86 27.86
CA ALA B 156 -14.64 18.56 28.90
C ALA B 156 -14.46 17.88 30.26
N LEU B 157 -14.12 16.59 30.25
CA LEU B 157 -13.96 15.86 31.49
C LEU B 157 -12.50 15.72 31.89
N TYR B 158 -11.57 15.86 30.94
CA TYR B 158 -10.17 15.59 31.18
C TYR B 158 -9.28 16.69 30.63
N GLN B 159 -9.69 17.95 30.82
CA GLN B 159 -8.91 19.07 30.32
C GLN B 159 -7.83 19.51 31.30
N THR B 160 -8.15 19.57 32.59
CA THR B 160 -7.23 20.06 33.59
C THR B 160 -6.71 18.97 34.53
N THR B 161 -7.35 17.80 34.55
CA THR B 161 -7.01 16.74 35.49
C THR B 161 -6.15 15.67 34.84
N TYR B 162 -6.60 15.09 33.73
CA TYR B 162 -5.77 14.20 32.89
C TYR B 162 -5.81 14.70 31.45
N PRO B 163 -5.03 15.73 31.12
CA PRO B 163 -5.00 16.19 29.72
C PRO B 163 -4.48 15.13 28.75
N GLU B 164 -3.54 14.30 29.19
CA GLU B 164 -2.90 13.34 28.30
C GLU B 164 -3.93 12.40 27.66
N TYR B 165 -5.04 12.16 28.35
CA TYR B 165 -6.09 11.30 27.82
C TYR B 165 -6.54 11.74 26.44
N LEU B 166 -6.55 13.06 26.19
CA LEU B 166 -7.02 13.59 24.91
C LEU B 166 -6.22 13.05 23.74
N GLN B 167 -4.96 12.66 23.97
CA GLN B 167 -4.15 12.16 22.87
C GLN B 167 -4.37 10.69 22.56
N TYR B 168 -5.08 9.94 23.42
CA TYR B 168 -5.31 8.53 23.11
C TYR B 168 -6.39 8.32 22.06
N ILE B 169 -7.33 9.26 21.92
CA ILE B 169 -8.46 9.05 21.02
C ILE B 169 -7.96 8.82 19.60
N TYR B 170 -7.04 9.67 19.14
CA TYR B 170 -6.51 9.54 17.79
C TYR B 170 -5.69 8.28 17.60
N LEU B 171 -5.35 7.58 18.69
CA LEU B 171 -4.68 6.30 18.61
C LEU B 171 -5.65 5.13 18.52
N VAL B 172 -6.93 5.35 18.79
CA VAL B 172 -7.90 4.26 18.81
C VAL B 172 -8.53 4.04 17.44
N ALA B 173 -9.24 5.04 16.95
CA ALA B 173 -10.06 4.87 15.75
C ALA B 173 -9.26 4.41 14.53
N PRO B 174 -8.10 5.00 14.18
CA PRO B 174 -7.39 4.54 12.99
C PRO B 174 -6.87 3.12 13.13
N ILE B 175 -6.15 2.85 14.22
CA ILE B 175 -5.48 1.56 14.38
C ILE B 175 -6.50 0.44 14.39
N SER B 176 -7.57 0.60 15.15
CA SER B 176 -8.67 -0.37 15.11
C SER B 176 -9.21 -0.50 13.70
N LEU B 177 -9.43 0.64 13.02
CA LEU B 177 -9.89 0.62 11.64
C LEU B 177 -8.91 -0.09 10.73
N MET B 178 -7.64 -0.17 11.13
CA MET B 178 -6.65 -0.89 10.34
C MET B 178 -6.90 -2.39 10.36
N MET B 179 -7.38 -2.91 11.49
CA MET B 179 -7.47 -4.36 11.69
C MET B 179 -8.87 -4.91 11.44
N LEU B 180 -9.86 -4.40 12.19
CA LEU B 180 -11.15 -5.06 12.24
C LEU B 180 -11.98 -4.83 10.98
N ASN B 181 -12.04 -3.59 10.51
CA ASN B 181 -12.92 -3.24 9.39
C ASN B 181 -12.51 -3.96 8.10
N PRO B 182 -11.22 -4.02 7.74
CA PRO B 182 -10.86 -4.71 6.49
C PRO B 182 -11.39 -6.13 6.43
N ILE B 183 -11.32 -6.87 7.53
CA ILE B 183 -11.87 -8.22 7.57
C ILE B 183 -13.32 -8.21 7.08
N GLY B 184 -14.17 -7.41 7.74
CA GLY B 184 -15.55 -7.31 7.30
C GLY B 184 -15.66 -7.02 5.82
N PHE B 185 -14.80 -6.12 5.31
CA PHE B 185 -14.87 -5.77 3.89
C PHE B 185 -14.85 -7.00 3.01
N ILE B 186 -13.91 -7.93 3.24
CA ILE B 186 -13.82 -9.04 2.30
C ILE B 186 -15.08 -9.87 2.34
N PHE B 187 -15.69 -10.02 3.53
CA PHE B 187 -16.97 -10.72 3.60
C PHE B 187 -17.99 -10.06 2.68
N CYS B 188 -18.10 -8.74 2.73
CA CYS B 188 -18.96 -8.03 1.78
C CYS B 188 -18.60 -8.41 0.35
N GLU B 189 -17.31 -8.36 0.02
CA GLU B 189 -16.88 -8.77 -1.31
C GLU B 189 -17.29 -10.21 -1.59
N ILE B 190 -17.11 -11.10 -0.60
CA ILE B 190 -17.56 -12.48 -0.76
C ILE B 190 -19.04 -12.49 -1.14
N GLN B 191 -19.85 -11.75 -0.39
CA GLN B 191 -21.27 -11.66 -0.74
C GLN B 191 -21.42 -11.18 -2.17
N LYS B 192 -20.75 -10.07 -2.51
CA LYS B 192 -20.82 -9.57 -3.87
C LYS B 192 -20.37 -10.64 -4.86
N TRP B 193 -19.32 -11.38 -4.52
CA TRP B 193 -18.86 -12.44 -5.40
C TRP B 193 -19.95 -13.48 -5.59
N LYS B 194 -20.59 -13.92 -4.50
CA LYS B 194 -21.63 -14.92 -4.65
C LYS B 194 -22.91 -14.28 -5.21
N ASP B 195 -22.97 -12.94 -5.21
CA ASP B 195 -24.05 -12.27 -5.94
C ASP B 195 -23.79 -12.29 -7.43
N THR B 196 -22.51 -12.34 -7.83
CA THR B 196 -22.17 -12.34 -9.25
C THR B 196 -22.08 -13.74 -9.84
N GLN B 197 -21.89 -14.76 -9.00
CA GLN B 197 -21.76 -16.14 -9.45
C GLN B 197 -20.64 -16.29 -10.47
N ASN B 198 -19.55 -15.57 -10.25
CA ASN B 198 -18.37 -15.59 -11.12
C ASN B 198 -17.28 -16.37 -10.40
N ALA B 199 -17.19 -17.66 -10.70
CA ALA B 199 -16.20 -18.52 -10.06
C ALA B 199 -14.77 -18.24 -10.53
N SER B 200 -14.59 -17.43 -11.57
CA SER B 200 -13.25 -17.13 -12.05
C SER B 200 -12.46 -16.33 -11.03
N GLN B 201 -13.11 -15.44 -10.30
CA GLN B 201 -12.42 -14.63 -9.31
C GLN B 201 -11.91 -15.50 -8.17
N ASN B 202 -10.68 -15.26 -7.75
CA ASN B 202 -10.04 -16.01 -6.68
C ASN B 202 -10.03 -15.19 -5.40
N LYS B 203 -9.51 -15.80 -4.34
CA LYS B 203 -9.43 -15.12 -3.05
C LYS B 203 -8.45 -13.94 -3.10
N ILE B 204 -7.42 -14.04 -3.95
CA ILE B 204 -6.44 -12.97 -4.05
C ILE B 204 -7.10 -11.68 -4.52
N LYS B 205 -7.95 -11.77 -5.55
CA LYS B 205 -8.63 -10.58 -6.04
C LYS B 205 -9.55 -9.99 -4.97
N ILE B 206 -10.24 -10.85 -4.22
CA ILE B 206 -11.18 -10.37 -3.21
C ILE B 206 -10.44 -9.65 -2.09
N VAL B 207 -9.35 -10.25 -1.60
CA VAL B 207 -8.59 -9.62 -0.53
C VAL B 207 -7.93 -8.33 -1.02
N GLY B 208 -7.48 -8.32 -2.29
CA GLY B 208 -6.94 -7.10 -2.85
C GLY B 208 -7.96 -5.99 -2.91
N LEU B 209 -9.19 -6.33 -3.34
CA LEU B 209 -10.25 -5.33 -3.37
C LEU B 209 -10.57 -4.83 -1.97
N GLY B 210 -10.61 -5.72 -0.98
CA GLY B 210 -10.90 -5.29 0.38
C GLY B 210 -9.83 -4.35 0.93
N LEU B 211 -8.56 -4.70 0.75
CA LEU B 211 -7.48 -3.83 1.18
C LEU B 211 -7.49 -2.50 0.43
N LEU B 212 -7.82 -2.54 -0.87
CA LEU B 212 -7.92 -1.30 -1.64
C LEU B 212 -9.02 -0.41 -1.09
N ARG B 213 -10.18 -1.00 -0.77
CA ARG B 213 -11.27 -0.20 -0.19
C ARG B 213 -10.86 0.40 1.15
N VAL B 214 -10.24 -0.39 2.02
CA VAL B 214 -9.93 0.13 3.36
C VAL B 214 -8.81 1.17 3.30
N LEU B 215 -7.82 0.98 2.43
CA LEU B 215 -6.77 1.99 2.30
C LEU B 215 -7.25 3.21 1.54
N GLN B 216 -8.32 3.06 0.74
CA GLN B 216 -8.90 4.21 0.06
C GLN B 216 -9.58 5.15 1.04
N ASN B 217 -9.92 4.68 2.23
CA ASN B 217 -10.48 5.57 3.24
C ASN B 217 -9.44 6.63 3.59
N PRO B 218 -9.82 7.90 3.61
CA PRO B 218 -8.82 8.97 3.77
C PRO B 218 -7.98 8.85 5.03
N ILE B 219 -8.61 8.46 6.15
CA ILE B 219 -7.98 8.59 7.45
C ILE B 219 -6.71 7.75 7.54
N VAL B 220 -6.69 6.58 6.90
CA VAL B 220 -5.54 5.69 7.04
C VAL B 220 -4.29 6.34 6.44
N PHE B 221 -4.43 6.99 5.28
CA PHE B 221 -3.22 7.54 4.69
C PHE B 221 -2.90 8.93 5.23
N MET B 222 -3.87 9.68 5.76
CA MET B 222 -3.41 10.83 6.55
C MET B 222 -2.70 10.40 7.82
N VAL B 223 -3.12 9.29 8.45
CA VAL B 223 -2.39 8.78 9.61
C VAL B 223 -0.98 8.39 9.22
N PHE B 224 -0.83 7.68 8.10
CA PHE B 224 0.50 7.29 7.66
C PHE B 224 1.37 8.49 7.35
N ILE B 225 0.82 9.49 6.65
CA ILE B 225 1.62 10.67 6.31
C ILE B 225 1.95 11.48 7.56
N GLY B 226 1.04 11.49 8.53
CA GLY B 226 1.33 12.17 9.79
C GLY B 226 2.44 11.50 10.58
N ILE B 227 2.44 10.17 10.60
CA ILE B 227 3.53 9.44 11.24
C ILE B 227 4.84 9.74 10.52
N ALA B 228 4.81 9.75 9.19
CA ALA B 228 6.01 10.05 8.41
C ALA B 228 6.52 11.46 8.71
N PHE B 229 5.61 12.44 8.78
CA PHE B 229 6.01 13.81 9.06
C PHE B 229 6.54 13.97 10.48
N ASN B 230 5.96 13.26 11.44
CA ASN B 230 6.49 13.29 12.81
C ASN B 230 7.88 12.70 12.85
N PHE B 231 8.12 11.62 12.10
CA PHE B 231 9.46 11.05 12.04
C PHE B 231 10.45 12.01 11.37
N ILE B 232 10.02 12.66 10.29
CA ILE B 232 10.94 13.50 9.52
C ILE B 232 11.28 14.79 10.26
N LEU B 233 10.25 15.49 10.76
CA LEU B 233 10.43 16.81 11.33
C LEU B 233 10.94 16.79 12.76
N ASP B 234 11.05 15.61 13.37
CA ASP B 234 11.56 15.47 14.74
C ASP B 234 10.74 16.33 15.71
N ARG B 235 9.43 16.12 15.70
CA ARG B 235 8.50 16.80 16.62
C ARG B 235 8.58 18.31 16.46
N LYS B 236 8.24 18.77 15.26
CA LYS B 236 8.18 20.21 14.98
C LYS B 236 7.01 20.50 14.07
N VAL B 237 6.41 21.67 14.24
CA VAL B 237 5.26 22.11 13.46
C VAL B 237 5.66 23.36 12.69
N PRO B 238 5.50 23.40 11.37
CA PRO B 238 5.83 24.61 10.62
C PRO B 238 4.86 25.74 10.96
N VAL B 239 5.43 26.91 11.25
CA VAL B 239 4.61 28.07 11.64
C VAL B 239 3.79 28.55 10.45
N TYR B 240 4.35 28.47 9.24
CA TYR B 240 3.66 28.99 8.05
C TYR B 240 2.33 28.29 7.81
N VAL B 241 2.20 27.04 8.25
CA VAL B 241 0.97 26.28 8.08
C VAL B 241 0.29 25.95 9.39
N GLU B 242 0.90 26.30 10.52
CA GLU B 242 0.30 26.01 11.82
C GLU B 242 -1.03 26.75 11.99
N ASN B 243 -1.06 28.03 11.59
CA ASN B 243 -2.30 28.80 11.70
C ASN B 243 -3.38 28.23 10.80
N PHE B 244 -3.01 27.84 9.57
CA PHE B 244 -3.97 27.25 8.66
C PHE B 244 -4.54 25.95 9.21
N LEU B 245 -3.66 25.11 9.78
CA LEU B 245 -4.10 23.86 10.36
C LEU B 245 -5.03 24.10 11.54
N ASP B 246 -4.69 25.07 12.40
CA ASP B 246 -5.56 25.38 13.54
C ASP B 246 -6.92 25.88 13.07
N GLY B 247 -6.94 26.74 12.05
CA GLY B 247 -8.21 27.23 11.55
C GLY B 247 -9.07 26.14 10.95
N LEU B 248 -8.46 25.22 10.21
CA LEU B 248 -9.23 24.12 9.62
C LEU B 248 -9.72 23.15 10.69
N GLY B 249 -8.89 22.87 11.70
CA GLY B 249 -9.25 21.87 12.68
C GLY B 249 -10.19 22.33 13.76
N ASN B 250 -10.17 23.63 14.08
CA ASN B 250 -11.04 24.14 15.14
C ASN B 250 -12.50 24.09 14.73
N SER B 251 -12.81 24.36 13.47
CA SER B 251 -14.19 24.34 12.99
C SER B 251 -14.68 22.95 12.59
N PHE B 252 -13.84 21.92 12.72
CA PHE B 252 -14.23 20.59 12.30
C PHE B 252 -15.40 20.06 13.12
N SER B 253 -15.36 20.26 14.44
CA SER B 253 -16.35 19.66 15.31
C SER B 253 -17.75 20.18 15.02
N GLY B 254 -17.92 21.50 14.99
CA GLY B 254 -19.22 22.07 14.75
C GLY B 254 -19.78 21.72 13.39
N SER B 255 -18.94 21.79 12.35
CA SER B 255 -19.38 21.45 11.00
C SER B 255 -19.76 19.98 10.90
N ALA B 256 -18.97 19.10 11.52
CA ALA B 256 -19.28 17.68 11.49
C ALA B 256 -20.60 17.38 12.20
N LEU B 257 -20.81 17.99 13.37
CA LEU B 257 -22.09 17.80 14.07
C LEU B 257 -23.25 18.35 13.27
N PHE B 258 -23.06 19.50 12.62
CA PHE B 258 -24.11 20.07 11.78
C PHE B 258 -24.45 19.15 10.62
N TYR B 259 -23.44 18.61 9.94
CA TYR B 259 -23.69 17.67 8.85
C TYR B 259 -24.39 16.42 9.35
N LEU B 260 -23.98 15.93 10.53
CA LEU B 260 -24.65 14.76 11.10
C LEU B 260 -26.13 15.05 11.36
N GLY B 261 -26.42 16.24 11.90
CA GLY B 261 -27.81 16.60 12.13
C GLY B 261 -28.61 16.70 10.83
N LEU B 262 -27.99 17.25 9.78
CA LEU B 262 -28.66 17.30 8.48
C LEU B 262 -28.88 15.92 7.89
N THR B 263 -28.00 14.96 8.20
CA THR B 263 -28.07 13.63 7.59
C THR B 263 -28.99 12.66 8.35
N MET B 264 -29.98 13.18 9.08
CA MET B 264 -30.96 12.33 9.76
C MET B 264 -32.38 12.89 9.60
N VAL B 265 -32.63 13.62 8.51
CA VAL B 265 -33.91 14.32 8.38
C VAL B 265 -35.05 13.34 8.14
N GLY B 266 -34.86 12.35 7.28
CA GLY B 266 -35.93 11.44 6.93
C GLY B 266 -35.53 10.00 6.77
N LYS B 267 -34.52 9.56 7.51
CA LYS B 267 -33.99 8.21 7.37
C LYS B 267 -34.55 7.22 8.37
N ILE B 268 -35.55 7.61 9.16
CA ILE B 268 -36.17 6.72 10.13
C ILE B 268 -37.49 6.23 9.56
N LYS B 269 -37.60 4.91 9.39
CA LYS B 269 -38.79 4.30 8.81
C LYS B 269 -39.18 3.07 9.64
N ARG B 270 -40.44 2.68 9.50
CA ARG B 270 -40.94 1.50 10.20
C ARG B 270 -40.29 0.23 9.67
N LEU B 271 -39.98 -0.68 10.59
CA LEU B 271 -39.34 -1.95 10.26
C LEU B 271 -40.16 -3.09 10.87
N LYS B 272 -39.71 -4.32 10.65
CA LYS B 272 -40.43 -5.49 11.11
C LYS B 272 -39.99 -5.89 12.52
N LYS B 273 -40.71 -6.86 13.08
CA LYS B 273 -40.43 -7.28 14.46
C LYS B 273 -39.04 -7.89 14.58
N SER B 274 -38.65 -8.74 13.62
CA SER B 274 -37.32 -9.32 13.65
C SER B 274 -36.25 -8.25 13.49
N ALA B 275 -36.51 -7.26 12.62
CA ALA B 275 -35.58 -6.15 12.49
C ALA B 275 -35.44 -5.38 13.79
N PHE B 276 -36.55 -5.12 14.47
CA PHE B 276 -36.50 -4.45 15.76
C PHE B 276 -35.70 -5.28 16.77
N VAL B 277 -35.92 -6.59 16.80
CA VAL B 277 -35.23 -7.44 17.77
C VAL B 277 -33.72 -7.44 17.51
N VAL B 278 -33.33 -7.63 16.25
CA VAL B 278 -31.90 -7.66 15.96
C VAL B 278 -31.28 -6.29 16.20
N LEU B 279 -32.00 -5.21 15.92
CA LEU B 279 -31.47 -3.88 16.19
C LEU B 279 -31.27 -3.66 17.68
N ILE B 280 -32.23 -4.09 18.50
CA ILE B 280 -32.09 -3.97 19.94
C ILE B 280 -30.91 -4.78 20.43
N LEU B 281 -30.75 -6.00 19.90
CA LEU B 281 -29.58 -6.81 20.26
C LEU B 281 -28.29 -6.09 19.91
N LEU B 282 -28.23 -5.50 18.71
CA LEU B 282 -27.04 -4.77 18.29
C LEU B 282 -26.74 -3.62 19.24
N ILE B 283 -27.77 -2.84 19.58
CA ILE B 283 -27.58 -1.67 20.43
C ILE B 283 -27.10 -2.08 21.82
N THR B 284 -27.73 -3.12 22.39
CA THR B 284 -27.28 -3.62 23.68
C THR B 284 -25.84 -4.10 23.62
N ALA B 285 -25.45 -4.71 22.50
CA ALA B 285 -24.05 -5.06 22.31
C ALA B 285 -23.18 -3.81 22.31
N LYS B 286 -23.62 -2.77 21.62
CA LYS B 286 -22.83 -1.54 21.52
C LYS B 286 -22.56 -0.95 22.89
N LEU B 287 -23.62 -0.78 23.69
CA LEU B 287 -23.52 0.09 24.86
C LEU B 287 -23.37 -0.68 26.17
N LEU B 288 -23.59 -1.99 26.18
CA LEU B 288 -23.48 -2.76 27.41
C LEU B 288 -22.35 -3.77 27.38
N VAL B 289 -21.92 -4.21 26.20
CA VAL B 289 -20.95 -5.29 26.10
C VAL B 289 -19.52 -4.77 26.04
N LEU B 290 -19.20 -3.96 25.04
CA LEU B 290 -17.86 -3.39 24.95
C LEU B 290 -17.46 -2.61 26.19
N PRO B 291 -18.29 -1.74 26.76
CA PRO B 291 -17.84 -1.01 27.97
C PRO B 291 -17.47 -1.93 29.13
N LEU B 292 -18.30 -2.92 29.42
CA LEU B 292 -18.01 -3.83 30.52
C LEU B 292 -16.78 -4.67 30.25
N LEU B 293 -16.66 -5.20 29.02
CA LEU B 293 -15.49 -6.00 28.69
C LEU B 293 -14.21 -5.17 28.78
N CYS B 294 -14.27 -3.93 28.28
CA CYS B 294 -13.13 -3.03 28.39
C CYS B 294 -12.76 -2.82 29.85
N ARG B 295 -13.75 -2.54 30.70
CA ARG B 295 -13.47 -2.43 32.13
C ARG B 295 -12.74 -3.65 32.65
N GLU B 296 -13.30 -4.83 32.40
CA GLU B 296 -12.77 -6.03 33.06
C GLU B 296 -11.35 -6.33 32.59
N MET B 297 -11.10 -6.23 31.28
CA MET B 297 -9.78 -6.66 30.83
C MET B 297 -8.76 -5.52 30.90
N VAL B 298 -9.18 -4.27 31.03
CA VAL B 298 -8.25 -3.22 31.43
C VAL B 298 -7.80 -3.46 32.87
N GLU B 299 -8.74 -3.79 33.76
CA GLU B 299 -8.35 -4.16 35.10
C GLU B 299 -7.45 -5.39 35.11
N LEU B 300 -7.70 -6.33 34.18
CA LEU B 300 -6.88 -7.53 34.11
C LEU B 300 -5.45 -7.23 33.65
N LEU B 301 -5.31 -6.52 32.53
CA LEU B 301 -3.99 -6.36 31.92
C LEU B 301 -3.08 -5.48 32.78
N ASP B 302 -3.59 -4.34 33.23
CA ASP B 302 -2.77 -3.41 34.00
C ASP B 302 -2.43 -3.99 35.35
N LYS B 303 -1.19 -3.75 35.79
CA LYS B 303 -0.73 -4.17 37.11
C LYS B 303 0.11 -3.09 37.79
N GLY B 304 -0.20 -1.81 37.51
CA GLY B 304 0.55 -0.72 38.07
C GLY B 304 0.15 -0.37 39.49
N ASP B 305 0.90 0.57 40.07
CA ASP B 305 0.67 1.01 41.43
C ASP B 305 -0.22 2.26 41.45
N SER B 306 -0.39 2.86 42.63
CA SER B 306 -1.18 4.06 42.82
C SER B 306 -2.62 3.86 42.32
N VAL B 307 -3.30 2.92 42.98
CA VAL B 307 -4.57 2.34 42.51
C VAL B 307 -5.57 3.39 42.03
N VAL B 308 -5.42 4.63 42.50
CA VAL B 308 -6.27 5.71 42.00
C VAL B 308 -6.08 5.89 40.50
N ASN B 309 -4.83 5.78 40.01
CA ASN B 309 -4.61 5.91 38.58
C ASN B 309 -5.30 4.78 37.82
N HIS B 310 -5.24 3.56 38.35
CA HIS B 310 -5.89 2.42 37.71
C HIS B 310 -7.40 2.62 37.67
N THR B 311 -7.99 3.13 38.76
CA THR B 311 -9.42 3.41 38.76
C THR B 311 -9.77 4.45 37.71
N SER B 312 -8.96 5.51 37.60
CA SER B 312 -9.20 6.51 36.57
C SER B 312 -9.05 5.93 35.17
N LEU B 313 -8.11 5.00 35.00
CA LEU B 313 -7.93 4.36 33.70
C LEU B 313 -9.16 3.56 33.32
N SER B 314 -9.70 2.81 34.28
CA SER B 314 -10.93 2.07 34.04
C SER B 314 -12.08 3.01 33.74
N ASN B 315 -12.14 4.15 34.43
CA ASN B 315 -13.19 5.13 34.13
C ASN B 315 -13.08 5.62 32.70
N TYR B 316 -11.86 5.96 32.27
CA TYR B 316 -11.66 6.39 30.89
C TYR B 316 -12.08 5.32 29.91
N ALA B 317 -11.68 4.07 30.16
CA ALA B 317 -12.02 2.99 29.24
C ALA B 317 -13.54 2.79 29.16
N PHE B 318 -14.22 2.81 30.30
CA PHE B 318 -15.65 2.59 30.30
C PHE B 318 -16.39 3.72 29.60
N LEU B 319 -15.99 4.96 29.89
CA LEU B 319 -16.61 6.08 29.18
C LEU B 319 -16.31 6.05 27.69
N TYR B 320 -15.14 5.53 27.31
CA TYR B 320 -14.86 5.40 25.89
C TYR B 320 -15.76 4.35 25.26
N GLY B 321 -16.02 3.25 25.96
CA GLY B 321 -16.78 2.16 25.38
C GLY B 321 -18.21 2.53 25.06
N VAL B 322 -18.72 3.59 25.67
CA VAL B 322 -20.14 3.91 25.56
C VAL B 322 -20.40 4.93 24.46
N PHE B 323 -19.36 5.27 23.68
CA PHE B 323 -19.54 6.26 22.64
C PHE B 323 -20.39 5.72 21.50
N PRO B 324 -21.21 6.58 20.87
CA PRO B 324 -22.15 6.11 19.85
C PRO B 324 -21.49 5.73 18.55
N VAL B 325 -22.31 5.41 17.54
CA VAL B 325 -21.84 4.83 16.29
C VAL B 325 -21.59 5.93 15.28
N ALA B 326 -20.43 5.89 14.62
CA ALA B 326 -20.09 6.86 13.60
C ALA B 326 -20.89 6.61 12.33
N PRO B 327 -21.15 7.66 11.54
CA PRO B 327 -21.86 7.47 10.26
C PRO B 327 -21.03 6.81 9.18
N GLY B 328 -19.76 6.47 9.47
CA GLY B 328 -18.93 5.83 8.45
C GLY B 328 -19.47 4.48 8.02
N VAL B 329 -20.05 3.72 8.96
CA VAL B 329 -20.67 2.44 8.61
C VAL B 329 -21.86 2.66 7.69
N ALA B 330 -22.60 3.76 7.90
CA ALA B 330 -23.69 4.07 6.99
C ALA B 330 -23.17 4.34 5.58
N ILE B 331 -22.04 5.05 5.47
CA ILE B 331 -21.43 5.28 4.18
C ILE B 331 -20.99 3.97 3.55
N PHE B 332 -20.42 3.07 4.35
CA PHE B 332 -19.99 1.78 3.83
C PHE B 332 -21.18 0.97 3.32
N ALA B 333 -22.29 0.98 4.05
CA ALA B 333 -23.48 0.30 3.58
C ALA B 333 -24.01 0.93 2.30
N THR B 334 -23.99 2.26 2.23
CA THR B 334 -24.47 2.95 1.04
C THR B 334 -23.64 2.59 -0.19
N GLN B 335 -22.32 2.57 -0.05
CA GLN B 335 -21.47 2.21 -1.18
C GLN B 335 -21.62 0.72 -1.52
N PHE B 336 -21.85 -0.11 -0.51
CA PHE B 336 -22.12 -1.52 -0.77
C PHE B 336 -23.57 -1.77 -1.17
N ASN B 337 -24.46 -0.80 -0.95
CA ASN B 337 -25.87 -0.88 -1.35
C ASN B 337 -26.53 -2.14 -0.80
N MET B 338 -26.27 -2.41 0.48
CA MET B 338 -26.82 -3.60 1.13
C MET B 338 -27.20 -3.25 2.56
N GLU B 339 -28.48 -3.46 2.89
CA GLU B 339 -29.00 -3.26 4.25
C GLU B 339 -28.69 -1.86 4.76
N VAL B 340 -28.91 -0.85 3.91
CA VAL B 340 -28.59 0.52 4.27
C VAL B 340 -29.56 1.04 5.32
N GLU B 341 -30.85 0.71 5.18
CA GLU B 341 -31.87 1.31 6.05
C GLU B 341 -31.69 0.89 7.51
N ILE B 342 -31.40 -0.38 7.75
CA ILE B 342 -31.27 -0.86 9.12
C ILE B 342 -30.05 -0.23 9.79
N ILE B 343 -28.95 -0.14 9.05
CA ILE B 343 -27.74 0.47 9.61
C ILE B 343 -27.97 1.94 9.92
N THR B 344 -28.61 2.66 9.00
CA THR B 344 -28.87 4.09 9.21
C THR B 344 -29.77 4.29 10.42
N SER B 345 -30.84 3.48 10.52
CA SER B 345 -31.75 3.61 11.65
C SER B 345 -31.02 3.30 12.96
N GLY B 346 -30.20 2.25 12.97
CA GLY B 346 -29.45 1.92 14.17
C GLY B 346 -28.52 3.03 14.59
N MET B 347 -27.82 3.63 13.62
CA MET B 347 -26.90 4.72 13.94
C MET B 347 -27.65 5.92 14.51
N VAL B 348 -28.73 6.33 13.85
CA VAL B 348 -29.44 7.54 14.28
C VAL B 348 -30.08 7.33 15.64
N ILE B 349 -30.56 6.11 15.91
CA ILE B 349 -31.09 5.82 17.23
C ILE B 349 -29.96 5.79 18.26
N SER B 350 -28.81 5.25 17.89
CA SER B 350 -27.68 5.15 18.82
C SER B 350 -27.20 6.53 19.26
N THR B 351 -27.15 7.49 18.33
CA THR B 351 -26.72 8.84 18.70
C THR B 351 -27.59 9.40 19.82
N PHE B 352 -28.91 9.23 19.71
CA PHE B 352 -29.80 9.76 20.74
C PHE B 352 -29.71 8.96 22.02
N VAL B 353 -29.66 7.62 21.92
CA VAL B 353 -29.66 6.78 23.12
C VAL B 353 -28.36 6.90 23.90
N SER B 354 -27.26 7.29 23.25
CA SER B 354 -25.98 7.32 23.93
C SER B 354 -25.97 8.29 25.11
N ALA B 355 -26.59 9.46 24.94
CA ALA B 355 -26.44 10.53 25.93
C ALA B 355 -26.94 10.13 27.32
N PRO B 356 -28.17 9.65 27.49
CA PRO B 356 -28.59 9.29 28.86
C PRO B 356 -27.73 8.20 29.47
N ILE B 357 -27.30 7.23 28.66
CA ILE B 357 -26.52 6.12 29.21
C ILE B 357 -25.13 6.59 29.63
N MET B 358 -24.48 7.40 28.81
CA MET B 358 -23.16 7.89 29.19
C MET B 358 -23.26 8.83 30.39
N TYR B 359 -24.36 9.59 30.46
CA TYR B 359 -24.58 10.50 31.59
C TYR B 359 -24.71 9.71 32.90
N VAL B 360 -25.61 8.72 32.91
CA VAL B 360 -25.80 7.91 34.11
C VAL B 360 -24.52 7.14 34.43
N SER B 361 -23.80 6.71 33.41
CA SER B 361 -22.54 6.01 33.65
C SER B 361 -21.54 6.92 34.36
N ALA B 362 -21.35 8.14 33.83
CA ALA B 362 -20.41 9.05 34.47
C ALA B 362 -20.78 9.28 35.92
N TRP B 363 -22.05 9.57 36.19
CA TRP B 363 -22.44 9.83 37.57
C TRP B 363 -22.26 8.59 38.45
N LEU B 364 -22.68 7.41 37.96
CA LEU B 364 -22.61 6.20 38.77
C LEU B 364 -21.17 5.84 39.10
N LEU B 365 -20.27 5.95 38.12
CA LEU B 365 -18.85 5.78 38.40
C LEU B 365 -18.31 6.83 39.36
N THR B 366 -18.86 8.05 39.36
CA THR B 366 -18.35 9.05 40.28
C THR B 366 -18.82 8.84 41.72
N PHE B 367 -20.01 8.25 41.93
CA PHE B 367 -20.50 8.11 43.31
C PHE B 367 -19.56 7.38 44.27
N PRO B 368 -18.98 6.23 43.94
CA PRO B 368 -18.26 5.46 44.98
C PRO B 368 -17.16 6.25 45.68
N THR B 369 -16.44 7.09 44.96
CA THR B 369 -15.34 7.87 45.55
C THR B 369 -15.79 9.27 45.96
N MET B 370 -16.86 9.39 46.74
CA MET B 370 -17.26 10.67 47.30
C MET B 370 -17.88 10.47 48.68
N ASP B 371 -17.81 11.54 49.49
CA ASP B 371 -18.41 11.68 50.80
C ASP B 371 -19.93 11.81 50.67
N PRO B 372 -20.70 11.38 51.67
CA PRO B 372 -22.18 11.43 51.53
C PRO B 372 -22.74 12.81 51.22
N LYS B 373 -22.21 13.88 51.80
CA LYS B 373 -22.69 15.21 51.45
C LYS B 373 -22.40 15.57 49.99
N PRO B 374 -21.19 15.32 49.46
CA PRO B 374 -21.02 15.43 48.00
C PRO B 374 -21.96 14.57 47.19
N LEU B 375 -22.32 13.36 47.67
CA LEU B 375 -23.31 12.57 46.95
C LEU B 375 -24.67 13.26 46.93
N ALA B 376 -25.05 13.88 48.05
CA ALA B 376 -26.30 14.65 48.07
C ALA B 376 -26.23 15.81 47.09
N TYR B 377 -25.09 16.50 47.04
CA TYR B 377 -24.95 17.59 46.09
C TYR B 377 -25.06 17.09 44.66
N ALA B 378 -24.46 15.93 44.38
CA ALA B 378 -24.52 15.34 43.05
C ALA B 378 -25.95 14.95 42.68
N ILE B 379 -26.70 14.38 43.63
CA ILE B 379 -28.06 13.97 43.31
C ILE B 379 -28.95 15.20 43.09
N GLN B 380 -28.73 16.28 43.85
CA GLN B 380 -29.44 17.52 43.53
C GLN B 380 -29.07 18.04 42.15
N ASN B 381 -27.79 17.96 41.79
CA ASN B 381 -27.35 18.46 40.48
C ASN B 381 -28.01 17.68 39.35
N VAL B 382 -27.96 16.35 39.43
CA VAL B 382 -28.56 15.52 38.38
C VAL B 382 -30.07 15.70 38.37
N SER B 383 -30.67 15.88 39.55
CA SER B 383 -32.10 16.14 39.61
C SER B 383 -32.46 17.41 38.85
N PHE B 384 -31.70 18.48 39.08
CA PHE B 384 -31.93 19.72 38.34
C PHE B 384 -31.75 19.51 36.84
N ASP B 385 -30.71 18.79 36.44
CA ASP B 385 -30.45 18.62 35.01
C ASP B 385 -31.58 17.89 34.32
N ILE B 386 -31.95 16.72 34.86
CA ILE B 386 -33.04 15.96 34.27
C ILE B 386 -34.34 16.73 34.38
N SER B 387 -34.49 17.54 35.43
CA SER B 387 -35.72 18.29 35.63
C SER B 387 -35.88 19.37 34.55
N ILE B 388 -34.81 20.09 34.23
CA ILE B 388 -34.93 21.15 33.23
C ILE B 388 -35.13 20.54 31.85
N VAL B 389 -34.44 19.44 31.54
CA VAL B 389 -34.65 18.81 30.25
C VAL B 389 -36.09 18.30 30.16
N SER B 390 -36.58 17.72 31.25
CA SER B 390 -37.95 17.25 31.28
C SER B 390 -38.95 18.39 31.19
N LEU B 391 -38.64 19.56 31.76
CA LEU B 391 -39.48 20.72 31.54
C LEU B 391 -39.58 21.06 30.07
N ILE B 392 -38.44 21.09 29.38
CA ILE B 392 -38.48 21.36 27.94
C ILE B 392 -39.44 20.38 27.28
N SER B 393 -39.27 19.09 27.58
CA SER B 393 -40.11 18.07 26.99
C SER B 393 -41.59 18.27 27.34
N LEU B 394 -41.87 18.56 28.61
CA LEU B 394 -43.25 18.61 29.09
C LEU B 394 -44.00 19.80 28.53
N ILE B 395 -43.39 20.99 28.56
CA ILE B 395 -44.07 22.13 27.95
C ILE B 395 -44.23 21.92 26.44
N TRP B 396 -43.28 21.26 25.77
CA TRP B 396 -43.52 20.97 24.36
C TRP B 396 -44.76 20.09 24.20
N SER B 397 -44.84 19.03 25.01
CA SER B 397 -45.96 18.09 24.91
C SER B 397 -47.28 18.77 25.26
N LEU B 398 -47.29 19.61 26.29
CA LEU B 398 -48.50 20.32 26.68
C LEU B 398 -48.95 21.27 25.58
N ALA B 399 -48.00 21.96 24.94
CA ALA B 399 -48.37 22.83 23.82
C ALA B 399 -49.00 22.01 22.70
N ILE B 400 -48.41 20.86 22.37
CA ILE B 400 -48.96 20.02 21.31
C ILE B 400 -50.38 19.57 21.67
N LEU B 401 -50.57 19.08 22.89
CA LEU B 401 -51.87 18.55 23.29
C LEU B 401 -52.93 19.64 23.35
N LEU B 402 -52.57 20.82 23.88
CA LEU B 402 -53.54 21.90 23.97
C LEU B 402 -53.90 22.43 22.59
N LEU B 403 -52.93 22.52 21.67
CA LEU B 403 -53.25 22.94 20.32
C LEU B 403 -53.98 21.86 19.54
N SER B 404 -53.92 20.61 19.98
CA SER B 404 -54.68 19.55 19.33
C SER B 404 -56.17 19.63 19.66
N LYS B 405 -56.52 20.13 20.83
CA LYS B 405 -57.91 20.20 21.30
C LYS B 405 -58.54 18.81 21.35
N LYS B 406 -57.74 17.80 21.71
CA LYS B 406 -58.22 16.43 21.82
C LYS B 406 -58.44 16.02 23.27
N TYR B 407 -58.36 16.96 24.22
CA TYR B 407 -58.54 16.63 25.63
C TYR B 407 -59.98 16.77 26.10
N LYS B 408 -60.92 17.06 25.19
CA LYS B 408 -62.33 17.14 25.54
C LYS B 408 -62.97 15.79 25.79
N GLN B 409 -62.43 14.71 25.25
CA GLN B 409 -63.01 13.39 25.37
C GLN B 409 -62.07 12.44 26.09
N LEU B 410 -62.65 11.46 26.77
CA LEU B 410 -61.89 10.55 27.61
C LEU B 410 -60.91 9.73 26.76
N PRO B 411 -59.75 9.37 27.31
CA PRO B 411 -59.27 9.74 28.64
C PRO B 411 -58.14 10.78 28.60
N HIS B 412 -58.32 11.81 27.78
CA HIS B 412 -57.20 12.72 27.52
C HIS B 412 -57.07 13.81 28.57
N MET B 413 -58.18 14.29 29.14
CA MET B 413 -58.10 15.41 30.06
C MET B 413 -57.28 15.05 31.31
N LEU B 414 -57.47 13.83 31.82
CA LEU B 414 -56.74 13.43 33.01
C LEU B 414 -55.27 13.22 32.70
N THR B 415 -54.96 12.77 31.49
CA THR B 415 -53.55 12.66 31.07
C THR B 415 -52.91 14.04 31.00
N THR B 416 -53.64 15.03 30.48
CA THR B 416 -53.14 16.40 30.49
C THR B 416 -52.92 16.90 31.92
N ASN B 417 -53.85 16.57 32.82
CA ASN B 417 -53.69 16.97 34.22
C ASN B 417 -52.44 16.33 34.83
N LEU B 418 -52.20 15.06 34.52
CA LEU B 418 -51.00 14.39 35.02
C LEU B 418 -49.74 15.05 34.45
N LEU B 419 -49.78 15.43 33.17
CA LEU B 419 -48.66 16.15 32.57
C LEU B 419 -48.43 17.48 33.28
N ILE B 420 -49.52 18.16 33.64
CA ILE B 420 -49.42 19.41 34.37
C ILE B 420 -48.76 19.17 35.73
N ALA B 421 -49.15 18.10 36.40
CA ALA B 421 -48.53 17.76 37.69
C ALA B 421 -47.05 17.51 37.53
N GLN B 422 -46.66 16.82 36.45
CA GLN B 422 -45.25 16.59 36.17
C GLN B 422 -44.51 17.92 35.98
N SER B 423 -45.09 18.82 35.18
CA SER B 423 -44.44 20.11 34.94
C SER B 423 -44.28 20.87 36.25
N ILE B 424 -45.31 20.86 37.10
CA ILE B 424 -45.24 21.58 38.36
C ILE B 424 -44.19 20.97 39.27
N VAL B 425 -44.10 19.65 39.34
CA VAL B 425 -43.13 19.04 40.25
C VAL B 425 -41.70 19.29 39.75
N CYS B 426 -41.51 19.35 38.43
CA CYS B 426 -40.19 19.66 37.92
C CYS B 426 -39.82 21.12 38.17
N ALA B 427 -40.79 22.02 38.01
CA ALA B 427 -40.55 23.41 38.40
C ALA B 427 -40.26 23.52 39.89
N GLY B 428 -40.86 22.64 40.69
CA GLY B 428 -40.54 22.59 42.10
C GLY B 428 -39.12 22.13 42.36
N MET B 429 -38.65 21.13 41.62
CA MET B 429 -37.22 20.81 41.60
C MET B 429 -36.39 22.07 41.36
N MET B 430 -36.73 22.82 40.31
CA MET B 430 -35.94 23.99 39.94
C MET B 430 -35.91 25.02 41.06
N ILE B 431 -37.08 25.42 41.56
CA ILE B 431 -37.13 26.41 42.63
C ILE B 431 -36.42 25.90 43.88
N TRP B 432 -36.71 24.66 44.28
CA TRP B 432 -36.16 24.13 45.51
C TRP B 432 -34.64 24.09 45.48
N ASN B 433 -34.06 23.68 44.35
CA ASN B 433 -32.60 23.75 44.27
C ASN B 433 -32.13 25.20 44.31
N PHE B 434 -32.96 26.12 43.78
CA PHE B 434 -32.63 27.54 43.93
C PHE B 434 -32.90 28.06 45.34
N VAL B 435 -33.87 27.48 46.07
CA VAL B 435 -34.23 28.04 47.36
C VAL B 435 -33.96 27.00 48.46
N LYS B 436 -32.91 26.20 48.29
CA LYS B 436 -32.57 25.21 49.32
C LYS B 436 -32.26 25.89 50.65
N GLU B 437 -31.48 26.96 50.63
CA GLU B 437 -31.09 27.68 51.84
C GLU B 437 -31.20 29.18 51.63
N LYS B 438 -32.26 29.62 50.97
CA LYS B 438 -32.47 31.05 50.69
C LYS B 438 -33.47 31.68 51.65
N ASN B 439 -34.68 31.14 51.73
CA ASN B 439 -35.72 31.68 52.60
C ASN B 439 -36.41 30.53 53.31
N PHE B 440 -37.01 30.84 54.46
CA PHE B 440 -37.69 29.81 55.24
C PHE B 440 -39.10 29.54 54.72
N VAL B 441 -39.98 30.54 54.81
CA VAL B 441 -41.37 30.36 54.42
C VAL B 441 -41.46 29.94 52.96
N GLY B 442 -40.61 30.51 52.12
CA GLY B 442 -40.52 30.03 50.75
C GLY B 442 -40.16 28.56 50.68
N GLN B 443 -39.24 28.13 51.54
CA GLN B 443 -38.84 26.72 51.55
C GLN B 443 -40.01 25.82 51.89
N ILE B 444 -40.75 26.16 52.95
CA ILE B 444 -41.90 25.32 53.33
C ILE B 444 -42.95 25.33 52.23
N LEU B 445 -43.29 26.50 51.67
CA LEU B 445 -44.34 26.51 50.66
C LEU B 445 -43.94 25.74 49.40
N VAL B 446 -42.67 25.90 48.98
CA VAL B 446 -42.19 25.17 47.82
C VAL B 446 -42.21 23.67 48.08
N PHE B 447 -41.78 23.26 49.27
CA PHE B 447 -41.81 21.85 49.65
C PHE B 447 -43.24 21.31 49.60
N VAL B 448 -44.20 22.07 50.14
CA VAL B 448 -45.59 21.62 50.17
C VAL B 448 -46.12 21.43 48.76
N LEU B 449 -45.97 22.46 47.92
CA LEU B 449 -46.47 22.36 46.56
C LEU B 449 -45.77 21.25 45.78
N LEU B 450 -44.46 21.11 46.00
CA LEU B 450 -43.66 20.11 45.30
C LEU B 450 -44.13 18.70 45.61
N TYR B 451 -44.23 18.37 46.90
CA TYR B 451 -44.66 17.02 47.24
C TYR B 451 -46.14 16.81 46.97
N SER B 452 -46.94 17.88 46.97
CA SER B 452 -48.31 17.77 46.52
C SER B 452 -48.37 17.30 45.07
N SER B 453 -47.61 17.96 44.20
CA SER B 453 -47.60 17.56 42.80
C SER B 453 -47.03 16.15 42.61
N LEU B 454 -45.98 15.82 43.35
CA LEU B 454 -45.36 14.50 43.24
C LEU B 454 -46.35 13.40 43.63
N TYR B 455 -47.01 13.58 44.79
CA TYR B 455 -48.00 12.61 45.23
C TYR B 455 -49.18 12.57 44.28
N SER B 456 -49.52 13.72 43.67
CA SER B 456 -50.59 13.73 42.68
C SER B 456 -50.23 12.86 41.49
N THR B 457 -48.96 12.90 41.06
CA THR B 457 -48.54 12.00 39.99
C THR B 457 -48.64 10.54 40.43
N TYR B 458 -48.18 10.23 41.65
CA TYR B 458 -48.30 8.86 42.14
C TYR B 458 -49.73 8.38 42.07
N LEU B 459 -50.66 9.15 42.63
CA LEU B 459 -52.06 8.75 42.64
C LEU B 459 -52.62 8.68 41.23
N TRP B 460 -52.29 9.66 40.40
CA TRP B 460 -52.89 9.74 39.07
C TRP B 460 -52.48 8.57 38.20
N THR B 461 -51.33 7.95 38.50
CA THR B 461 -51.02 6.68 37.86
C THR B 461 -52.14 5.66 38.11
N GLY B 462 -52.51 5.47 39.37
CA GLY B 462 -53.59 4.54 39.70
C GLY B 462 -54.94 5.02 39.20
N LEU B 463 -55.14 6.34 39.14
CA LEU B 463 -56.39 6.87 38.60
C LEU B 463 -56.55 6.53 37.12
N LEU B 464 -55.48 6.68 36.33
CA LEU B 464 -55.53 6.25 34.94
C LEU B 464 -55.67 4.74 34.84
N ALA B 465 -55.09 4.00 35.78
CA ALA B 465 -55.33 2.55 35.81
C ALA B 465 -56.82 2.24 35.97
N ILE B 466 -57.47 2.90 36.94
CA ILE B 466 -58.90 2.68 37.16
C ILE B 466 -59.71 3.10 35.95
N SER B 467 -59.37 4.25 35.36
CA SER B 467 -60.11 4.74 34.21
C SER B 467 -60.02 3.77 33.03
N LEU B 468 -58.81 3.27 32.75
CA LEU B 468 -58.66 2.30 31.66
C LEU B 468 -59.40 1.01 31.97
N PHE B 469 -59.36 0.56 33.23
CA PHE B 469 -60.08 -0.66 33.59
C PHE B 469 -61.59 -0.48 33.40
N LEU B 470 -62.13 0.68 33.76
CA LEU B 470 -63.57 0.89 33.65
C LEU B 470 -63.99 1.11 32.19
N LEU B 471 -63.14 1.71 31.36
CA LEU B 471 -63.42 1.73 29.93
C LEU B 471 -63.35 0.34 29.33
N LYS B 472 -62.47 -0.53 29.86
CA LYS B 472 -62.40 -1.91 29.38
C LYS B 472 -63.71 -2.65 29.64
N LYS B 473 -64.45 -2.25 30.68
CA LYS B 473 -65.71 -2.90 30.99
C LYS B 473 -66.77 -2.68 29.90
N ARG B 474 -66.57 -1.68 29.04
CA ARG B 474 -67.52 -1.37 27.97
C ARG B 474 -68.92 -1.10 28.52
N GLU B 475 -68.98 -0.44 29.67
CA GLU B 475 -70.24 -0.14 30.35
C GLU B 475 -70.67 1.28 30.00
N ARG B 476 -71.94 1.42 29.62
CA ARG B 476 -72.51 2.73 29.27
C ARG B 476 -72.97 3.47 30.53
N VAL B 477 -72.01 3.69 31.42
CA VAL B 477 -72.25 4.38 32.68
C VAL B 477 -71.46 5.69 32.67
N GLN B 478 -72.08 6.76 33.14
CA GLN B 478 -71.44 8.07 33.15
C GLN B 478 -70.19 8.04 34.03
N ILE B 479 -69.15 8.72 33.55
CA ILE B 479 -67.88 8.79 34.26
C ILE B 479 -67.89 10.05 35.13
N PRO B 480 -67.76 9.93 36.45
CA PRO B 480 -67.72 11.13 37.30
C PRO B 480 -66.43 11.89 37.13
N VAL B 481 -66.29 12.61 36.00
CA VAL B 481 -65.02 13.26 35.68
C VAL B 481 -64.70 14.33 36.71
N GLY B 482 -65.68 15.12 37.13
CA GLY B 482 -65.43 16.13 38.14
C GLY B 482 -64.99 15.53 39.46
N ILE B 483 -65.69 14.48 39.89
CA ILE B 483 -65.34 13.84 41.16
C ILE B 483 -63.94 13.24 41.11
N ILE B 484 -63.61 12.56 40.00
CA ILE B 484 -62.30 11.92 39.95
C ILE B 484 -61.19 12.95 39.89
N ILE B 485 -61.38 14.06 39.15
CA ILE B 485 -60.32 15.05 39.08
C ILE B 485 -60.16 15.77 40.42
N ILE B 486 -61.27 16.11 41.08
CA ILE B 486 -61.14 16.80 42.36
C ILE B 486 -60.51 15.87 43.40
N SER B 487 -60.83 14.58 43.34
CA SER B 487 -60.17 13.63 44.23
C SER B 487 -58.67 13.58 43.94
N GLY B 488 -58.32 13.42 42.67
CA GLY B 488 -56.92 13.30 42.30
C GLY B 488 -56.09 14.52 42.65
N TRP B 489 -56.72 15.69 42.71
CA TRP B 489 -56.02 16.87 43.18
C TRP B 489 -56.20 17.15 44.67
N GLY B 490 -57.12 16.46 45.34
CA GLY B 490 -57.40 16.78 46.73
C GLY B 490 -56.79 15.85 47.76
N ILE B 491 -56.90 14.54 47.55
CA ILE B 491 -56.24 13.60 48.48
C ILE B 491 -54.75 13.84 48.60
N PRO B 492 -53.99 14.06 47.52
CA PRO B 492 -52.56 14.39 47.72
C PRO B 492 -52.36 15.62 48.56
N ALA B 493 -53.15 16.67 48.33
CA ALA B 493 -53.02 17.89 49.12
C ALA B 493 -53.38 17.62 50.58
N LEU B 494 -54.41 16.80 50.83
CA LEU B 494 -54.79 16.48 52.19
C LEU B 494 -53.68 15.71 52.91
N LEU B 495 -53.07 14.75 52.22
CA LEU B 495 -51.97 14.01 52.82
C LEU B 495 -50.79 14.92 53.12
N VAL B 496 -50.48 15.85 52.21
CA VAL B 496 -49.40 16.80 52.46
C VAL B 496 -49.71 17.66 53.67
N GLY B 497 -50.94 18.14 53.77
CA GLY B 497 -51.32 18.98 54.90
C GLY B 497 -51.26 18.24 56.22
N VAL B 498 -51.80 17.02 56.28
CA VAL B 498 -51.76 16.27 57.53
C VAL B 498 -50.33 15.87 57.86
N LEU B 499 -49.50 15.63 56.85
CA LEU B 499 -48.09 15.35 57.11
C LEU B 499 -47.40 16.56 57.73
N LEU B 500 -47.69 17.76 57.21
CA LEU B 500 -47.12 18.97 57.80
C LEU B 500 -47.59 19.14 59.24
N ILE B 501 -48.88 18.91 59.50
CA ILE B 501 -49.41 19.09 60.84
C ILE B 501 -48.80 18.10 61.81
N THR B 502 -48.71 16.83 61.42
CA THR B 502 -48.20 15.81 62.33
C THR B 502 -46.68 15.73 62.31
N GLY B 503 -46.03 16.20 61.24
CA GLY B 503 -44.60 16.08 61.13
C GLY B 503 -43.84 17.12 61.93
N LYS B 504 -42.53 16.91 62.01
CA LYS B 504 -41.61 17.81 62.70
C LYS B 504 -40.58 18.33 61.72
N HIS B 505 -40.39 19.65 61.69
CA HIS B 505 -39.49 20.26 60.73
C HIS B 505 -38.03 19.92 61.05
N ASN B 506 -37.29 19.52 60.02
CA ASN B 506 -35.85 19.21 60.14
C ASN B 506 -35.16 19.79 58.91
N GLY B 507 -34.72 21.04 59.04
CA GLY B 507 -34.13 21.75 57.92
C GLY B 507 -32.67 21.48 57.65
N ASP B 508 -32.03 20.59 58.41
CA ASP B 508 -30.62 20.30 58.22
C ASP B 508 -30.36 19.26 57.14
N SER B 509 -31.40 18.59 56.64
CA SER B 509 -31.24 17.58 55.61
C SER B 509 -31.30 18.22 54.24
N ILE B 510 -30.24 18.05 53.46
CA ILE B 510 -30.21 18.63 52.12
C ILE B 510 -31.25 17.97 51.23
N ASP B 511 -31.41 16.66 51.34
CA ASP B 511 -32.40 15.95 50.54
C ASP B 511 -33.81 16.32 50.96
N SER B 512 -34.70 16.41 49.97
CA SER B 512 -36.09 16.73 50.25
C SER B 512 -36.84 15.57 50.89
N ALA B 513 -36.38 14.33 50.69
CA ALA B 513 -37.05 13.18 51.27
C ALA B 513 -36.99 13.21 52.79
N PHE B 514 -35.87 13.68 53.35
CA PHE B 514 -35.65 13.69 54.79
C PHE B 514 -35.96 15.05 55.41
N PHE B 515 -36.92 15.80 54.84
CA PHE B 515 -37.20 17.14 55.34
C PHE B 515 -37.75 17.10 56.76
N TYR B 516 -38.62 16.14 57.07
CA TYR B 516 -39.20 16.02 58.40
C TYR B 516 -38.73 14.78 59.15
N GLY B 517 -38.49 13.67 58.44
CA GLY B 517 -37.99 12.45 59.05
C GLY B 517 -38.77 11.23 58.60
N LYS B 518 -39.10 10.36 59.56
CA LYS B 518 -39.73 9.08 59.25
C LYS B 518 -41.12 9.26 58.66
N GLU B 519 -41.90 10.20 59.21
CA GLU B 519 -43.31 10.31 58.87
C GLU B 519 -43.53 10.57 57.39
N GLN B 520 -42.71 11.42 56.77
CA GLN B 520 -42.92 11.71 55.35
C GLN B 520 -42.79 10.46 54.50
N MET B 521 -41.73 9.67 54.69
CA MET B 521 -41.56 8.56 53.76
C MET B 521 -42.40 7.37 54.17
N ILE B 522 -42.89 7.35 55.41
CA ILE B 522 -43.97 6.42 55.72
C ILE B 522 -45.21 6.77 54.91
N THR B 523 -45.54 8.07 54.83
CA THR B 523 -46.68 8.47 53.99
C THR B 523 -46.41 8.16 52.52
N THR B 524 -45.18 8.36 52.04
CA THR B 524 -44.90 8.05 50.65
C THR B 524 -45.02 6.56 50.40
N ALA B 525 -44.56 5.74 51.35
CA ALA B 525 -44.64 4.29 51.19
C ALA B 525 -46.08 3.82 51.16
N VAL B 526 -46.93 4.36 52.03
CA VAL B 526 -48.33 3.94 51.98
C VAL B 526 -48.99 4.47 50.71
N THR B 527 -48.59 5.65 50.23
CA THR B 527 -49.11 6.17 48.97
C THR B 527 -48.73 5.25 47.81
N LEU B 528 -47.46 4.84 47.76
CA LEU B 528 -46.98 3.92 46.74
C LEU B 528 -47.73 2.60 46.82
N PHE B 529 -47.88 2.06 48.02
CA PHE B 529 -48.53 0.77 48.21
C PHE B 529 -49.97 0.83 47.71
N CYS B 530 -50.70 1.89 48.09
CA CYS B 530 -52.08 2.05 47.65
C CYS B 530 -52.18 2.20 46.14
N SER B 531 -51.41 3.12 45.56
CA SER B 531 -51.52 3.37 44.13
C SER B 531 -51.12 2.14 43.31
N ILE B 532 -50.13 1.39 43.80
CA ILE B 532 -49.67 0.21 43.07
C ILE B 532 -50.66 -0.93 43.19
N LEU B 533 -51.32 -1.08 44.34
CA LEU B 533 -52.43 -2.04 44.40
C LEU B 533 -53.54 -1.64 43.45
N ILE B 534 -53.81 -0.33 43.35
CA ILE B 534 -54.83 0.15 42.41
C ILE B 534 -54.45 -0.23 40.99
N ALA B 535 -53.18 -0.02 40.63
CA ALA B 535 -52.72 -0.39 39.29
C ALA B 535 -52.82 -1.89 39.06
N GLY B 536 -52.46 -2.69 40.06
CA GLY B 536 -52.51 -4.13 39.91
C GLY B 536 -53.92 -4.67 39.76
N ILE B 537 -54.85 -4.18 40.58
CA ILE B 537 -56.24 -4.63 40.48
C ILE B 537 -56.85 -4.14 39.18
N SER B 538 -56.51 -2.92 38.75
CA SER B 538 -56.96 -2.45 37.45
C SER B 538 -56.35 -3.27 36.31
N LEU B 539 -55.06 -3.57 36.41
CA LEU B 539 -54.37 -4.32 35.37
C LEU B 539 -53.89 -5.66 35.87
N GLN B 653 -59.67 6.69 19.81
CA GLN B 653 -59.29 6.26 21.15
C GLN B 653 -57.98 5.49 21.12
N GLN B 654 -56.92 6.11 21.61
CA GLN B 654 -55.59 5.49 21.63
C GLN B 654 -55.36 4.84 23.00
N LEU B 655 -56.11 3.76 23.23
CA LEU B 655 -55.99 3.04 24.49
C LEU B 655 -54.65 2.33 24.61
N THR B 656 -54.04 1.95 23.49
CA THR B 656 -52.73 1.30 23.53
C THR B 656 -51.68 2.22 24.13
N ARG B 657 -51.71 3.50 23.75
CA ARG B 657 -50.78 4.47 24.32
C ARG B 657 -50.96 4.56 25.83
N HIS B 658 -52.21 4.64 26.28
CA HIS B 658 -52.49 4.75 27.70
C HIS B 658 -52.04 3.52 28.47
N VAL B 659 -52.28 2.33 27.92
CA VAL B 659 -51.88 1.12 28.62
C VAL B 659 -50.36 0.97 28.62
N LEU B 660 -49.68 1.42 27.57
CA LEU B 660 -48.21 1.43 27.61
C LEU B 660 -47.72 2.33 28.74
N LEU B 661 -48.35 3.49 28.90
CA LEU B 661 -47.96 4.36 30.01
C LEU B 661 -48.23 3.68 31.35
N CYS B 662 -49.41 3.06 31.50
CA CYS B 662 -49.88 2.32 32.67
C CYS B 662 -49.19 1.03 32.87
N LEU B 663 -48.23 0.72 32.00
CA LEU B 663 -47.28 -0.34 32.27
C LEU B 663 -45.92 0.20 32.67
N LEU B 664 -45.40 1.18 31.94
CA LEU B 664 -44.04 1.67 32.19
C LEU B 664 -43.93 2.37 33.54
N LEU B 665 -44.96 3.12 33.96
CA LEU B 665 -44.84 3.90 35.18
C LEU B 665 -44.62 3.03 36.42
N ILE B 666 -45.24 1.85 36.45
CA ILE B 666 -45.26 1.09 37.69
C ILE B 666 -43.91 0.46 37.98
N ILE B 667 -43.04 0.28 36.98
CA ILE B 667 -41.69 -0.20 37.29
C ILE B 667 -40.95 0.79 38.19
N GLY B 668 -40.95 2.06 37.81
CA GLY B 668 -40.40 3.07 38.70
C GLY B 668 -41.14 3.12 40.01
N LEU B 669 -42.44 2.83 39.99
CA LEU B 669 -43.17 2.75 41.25
C LEU B 669 -42.62 1.65 42.16
N PHE B 670 -42.32 0.47 41.60
CA PHE B 670 -41.66 -0.56 42.41
C PHE B 670 -40.31 -0.08 42.90
N ALA B 671 -39.57 0.63 42.05
CA ALA B 671 -38.27 1.15 42.48
C ALA B 671 -38.44 2.02 43.73
N ASN B 672 -39.44 2.90 43.72
CA ASN B 672 -39.66 3.77 44.88
C ASN B 672 -40.09 2.97 46.11
N LEU B 673 -40.99 1.99 45.94
CA LEU B 673 -41.41 1.22 47.10
C LEU B 673 -40.24 0.46 47.69
N SER B 674 -39.39 -0.10 46.83
CA SER B 674 -38.23 -0.85 47.30
C SER B 674 -37.29 0.07 48.07
N SER B 675 -37.07 1.28 47.56
CA SER B 675 -36.20 2.22 48.27
C SER B 675 -36.73 2.54 49.66
N CYS B 676 -38.02 2.88 49.76
CA CYS B 676 -38.55 3.29 51.06
C CYS B 676 -38.60 2.12 52.04
N LEU B 677 -39.03 0.94 51.57
CA LEU B 677 -39.07 -0.21 52.47
C LEU B 677 -37.67 -0.62 52.89
N TRP B 678 -36.68 -0.46 52.00
CA TRP B 678 -35.30 -0.74 52.39
C TRP B 678 -34.83 0.22 53.46
N TRP B 679 -35.19 1.51 53.35
CA TRP B 679 -34.66 2.44 54.34
C TRP B 679 -35.28 2.14 55.69
N LEU B 680 -36.58 1.84 55.72
CA LEU B 680 -37.27 1.65 57.00
C LEU B 680 -36.92 0.31 57.64
N PHE B 681 -36.81 -0.76 56.85
CA PHE B 681 -36.43 -2.06 57.40
C PHE B 681 -34.97 -2.07 57.79
N ASN B 682 -34.10 -1.53 56.93
CA ASN B 682 -32.66 -1.52 57.16
C ASN B 682 -32.25 -0.14 57.66
N GLN B 683 -32.30 0.05 58.97
CA GLN B 683 -31.85 1.32 59.55
C GLN B 683 -30.37 1.55 59.30
N GLU B 684 -29.56 0.51 59.46
CA GLU B 684 -28.14 0.64 59.19
C GLU B 684 -27.91 0.77 57.69
N PRO B 685 -26.96 1.62 57.27
CA PRO B 685 -26.77 1.87 55.82
C PRO B 685 -25.90 0.79 55.19
N GLY B 686 -26.40 0.21 54.10
CA GLY B 686 -25.65 -0.75 53.33
C GLY B 686 -24.80 -0.08 52.26
N ARG B 687 -24.17 -0.90 51.43
CA ARG B 687 -23.38 -0.39 50.32
C ARG B 687 -24.13 -0.53 48.99
N LEU B 688 -25.45 -0.40 49.06
CA LEU B 688 -26.29 -0.55 47.88
C LEU B 688 -27.30 0.57 47.67
N TYR B 689 -27.59 1.39 48.69
CA TYR B 689 -28.67 2.36 48.57
C TYR B 689 -28.31 3.55 47.69
N VAL B 690 -27.04 3.69 47.30
CA VAL B 690 -26.65 4.83 46.47
C VAL B 690 -27.33 4.77 45.11
N GLU B 691 -27.30 3.60 44.45
CA GLU B 691 -27.91 3.49 43.15
C GLU B 691 -29.43 3.42 43.27
N LEU B 692 -29.94 2.89 44.39
CA LEU B 692 -31.36 3.00 44.67
C LEU B 692 -31.81 4.45 44.67
N GLN B 693 -31.12 5.29 45.45
CA GLN B 693 -31.48 6.70 45.53
C GLN B 693 -31.34 7.38 44.18
N PHE B 694 -30.26 7.09 43.46
CA PHE B 694 -30.06 7.73 42.17
C PHE B 694 -31.15 7.35 41.18
N PHE B 695 -31.49 6.06 41.09
CA PHE B 695 -32.51 5.63 40.15
C PHE B 695 -33.88 6.17 40.55
N CYS B 696 -34.17 6.21 41.85
CA CYS B 696 -35.44 6.78 42.29
C CYS B 696 -35.53 8.25 41.94
N ALA B 697 -34.45 9.01 42.16
CA ALA B 697 -34.46 10.42 41.79
C ALA B 697 -34.62 10.58 40.28
N VAL B 698 -33.91 9.76 39.51
CA VAL B 698 -33.98 9.85 38.05
C VAL B 698 -35.41 9.60 37.57
N PHE B 699 -36.03 8.54 38.08
CA PHE B 699 -37.41 8.25 37.70
C PHE B 699 -38.34 9.38 38.13
N ASN B 700 -38.29 9.76 39.41
CA ASN B 700 -39.21 10.77 39.92
C ASN B 700 -39.09 12.08 39.16
N PHE B 701 -37.87 12.41 38.71
CA PHE B 701 -37.58 13.75 38.23
C PHE B 701 -37.38 13.79 36.72
N GLY B 702 -37.49 12.66 36.04
CA GLY B 702 -37.46 12.63 34.59
C GLY B 702 -38.45 11.65 34.02
N GLN B 703 -39.46 11.29 34.82
CA GLN B 703 -40.53 10.44 34.31
C GLN B 703 -41.27 11.10 33.16
N GLY B 704 -41.31 12.42 33.11
CA GLY B 704 -41.94 13.10 31.99
C GLY B 704 -41.32 12.74 30.66
N PHE B 705 -40.08 12.24 30.66
CA PHE B 705 -39.49 11.74 29.43
C PHE B 705 -40.30 10.58 28.87
N ILE B 706 -40.89 9.77 29.75
CA ILE B 706 -41.71 8.65 29.30
C ILE B 706 -42.92 9.15 28.54
N SER B 707 -43.66 10.10 29.13
CA SER B 707 -44.81 10.66 28.45
C SER B 707 -44.41 11.41 27.19
N PHE B 708 -43.22 12.03 27.21
CA PHE B 708 -42.67 12.65 26.01
C PHE B 708 -42.50 11.63 24.90
N GLY B 709 -41.93 10.47 25.22
CA GLY B 709 -41.75 9.45 24.20
C GLY B 709 -43.06 8.87 23.71
N ILE B 710 -44.00 8.64 24.62
CA ILE B 710 -45.22 7.91 24.25
C ILE B 710 -46.32 8.89 23.81
N PHE B 711 -46.64 9.88 24.63
CA PHE B 711 -47.61 10.91 24.27
C PHE B 711 -46.91 12.16 23.74
N GLY B 712 -46.10 11.96 22.69
CA GLY B 712 -45.40 13.09 22.10
C GLY B 712 -45.40 13.12 20.59
N LEU B 713 -45.87 12.06 19.95
CA LEU B 713 -45.90 11.99 18.49
C LEU B 713 -47.31 11.70 17.99
#